data_6NVD
#
_entry.id   6NVD
#
_cell.length_a   56.739
_cell.length_b   105.909
_cell.length_c   151.220
_cell.angle_alpha   90.000
_cell.angle_beta   90.000
_cell.angle_gamma   90.000
#
_symmetry.space_group_name_H-M   'P 21 21 21'
#
loop_
_entity.id
_entity.type
_entity.pdbx_description
1 polymer 'ATP-dependent dethiobiotin synthetase BioD'
2 non-polymer 'SULFATE ION'
3 non-polymer "2',5'-dideoxy-5'-[4-({[(1S,2R)-2-(2-hydroxybenzene-1-carbonyl)cyclopentyl]acetyl}amino)-1H-1,2,3-triazol-1-yl]cytidine"
4 water water
#
_entity_poly.entity_id   1
_entity_poly.type   'polypeptide(L)'
_entity_poly.pdbx_seq_one_letter_code
;HHHHHHGGTILVVTGTGTGVGKTVVCAALASAARQAGIDVAVCKPVQTGTARGDDDLAEVGRLAGVTQLAGLARYPQPMA
PAAAAEHAGMALPARDQIVRLIADLDRPGRLTLVEGAGGLLVELAEPGVTLRDVAVDVAAAALVVVTADLGTLNHTKLTL
EALAAQQVSCAGLVIGSWPDPPGLVAASNRSALARIAMVRAALPAGAASLDAGDFAAMSAAAFDRNWVAGLVG
;
_entity_poly.pdbx_strand_id   A,B,C,D
#
loop_
_chem_comp.id
_chem_comp.type
_chem_comp.name
_chem_comp.formula
L4S non-polymer 2',5'-dideoxy-5'-[4-({[(1S,2R)-2-(2-hydroxybenzene-1-carbonyl)cyclopentyl]acetyl}amino)-1H-1,2,3-triazol-1-yl]cytidine 'C25 H29 N7 O6'
SO4 non-polymer 'SULFATE ION' 'O4 S -2'
#
# COMPACT_ATOMS: atom_id res chain seq x y z
N GLY A 7 11.77 -19.86 -4.68
CA GLY A 7 12.74 -19.45 -3.68
C GLY A 7 12.19 -19.32 -2.26
N GLY A 8 12.83 -18.49 -1.46
CA GLY A 8 12.40 -18.29 -0.09
C GLY A 8 11.73 -16.95 0.14
N THR A 9 11.97 -16.33 1.29
CA THR A 9 11.50 -14.97 1.57
C THR A 9 12.74 -14.14 1.86
N ILE A 10 12.96 -13.10 1.06
CA ILE A 10 14.05 -12.15 1.28
C ILE A 10 13.45 -10.82 1.72
N LEU A 11 13.80 -10.39 2.92
CA LEU A 11 13.53 -9.04 3.40
C LEU A 11 14.83 -8.26 3.42
N VAL A 12 14.82 -7.06 2.88
CA VAL A 12 15.84 -6.10 3.25
C VAL A 12 15.36 -5.38 4.50
N VAL A 13 16.28 -5.16 5.41
CA VAL A 13 16.02 -4.47 6.66
C VAL A 13 16.78 -3.16 6.59
N THR A 14 16.04 -2.08 6.44
CA THR A 14 16.64 -0.77 6.29
C THR A 14 16.21 0.06 7.49
N GLY A 15 16.54 1.35 7.44
CA GLY A 15 16.11 2.24 8.51
C GLY A 15 15.94 3.64 7.98
N THR A 16 15.22 4.44 8.76
CA THR A 16 15.10 5.84 8.40
C THR A 16 16.43 6.58 8.51
N GLY A 17 17.38 6.02 9.24
CA GLY A 17 18.68 6.63 9.37
C GLY A 17 19.65 5.63 9.96
N THR A 18 20.80 6.15 10.38
CA THR A 18 21.74 5.28 11.08
C THR A 18 21.54 5.42 12.58
N GLY A 19 21.87 4.36 13.30
CA GLY A 19 21.73 4.38 14.73
C GLY A 19 20.32 4.19 15.24
N VAL A 20 19.37 3.82 14.38
CA VAL A 20 17.98 3.65 14.80
C VAL A 20 17.68 2.24 15.33
N GLY A 21 18.67 1.35 15.34
CA GLY A 21 18.51 0.03 15.88
C GLY A 21 18.26 -1.07 14.88
N LYS A 22 18.66 -0.89 13.62
CA LYS A 22 18.54 -1.92 12.59
C LYS A 22 19.00 -3.30 13.07
N THR A 23 20.28 -3.39 13.47
CA THR A 23 20.90 -4.69 13.75
C THR A 23 20.14 -5.45 14.83
N VAL A 24 19.78 -4.77 15.93
CA VAL A 24 19.02 -5.40 16.99
C VAL A 24 17.63 -5.82 16.49
N VAL A 25 17.14 -5.17 15.43
CA VAL A 25 15.86 -5.57 14.85
C VAL A 25 16.02 -6.83 14.00
N CYS A 26 17.12 -6.96 13.25
CA CYS A 26 17.38 -8.23 12.55
C CYS A 26 17.44 -9.38 13.53
N ALA A 27 18.30 -9.24 14.55
CA ALA A 27 18.45 -10.28 15.56
C ALA A 27 17.11 -10.60 16.21
N ALA A 28 16.29 -9.58 16.47
CA ALA A 28 15.01 -9.82 17.13
C ALA A 28 14.04 -10.52 16.19
N LEU A 29 14.01 -10.12 14.92
CA LEU A 29 13.19 -10.84 13.96
C LEU A 29 13.77 -12.22 13.70
N ALA A 30 15.10 -12.30 13.61
CA ALA A 30 15.75 -13.58 13.42
C ALA A 30 15.37 -14.55 14.53
N SER A 31 15.50 -14.11 15.78
CA SER A 31 15.13 -14.95 16.92
C SER A 31 13.66 -15.36 16.85
N ALA A 32 12.76 -14.40 16.61
CA ALA A 32 11.34 -14.72 16.56
C ALA A 32 11.00 -15.72 15.44
N ALA A 33 11.72 -15.66 14.33
CA ALA A 33 11.43 -16.60 13.23
C ALA A 33 12.02 -17.98 13.51
N ARG A 34 13.23 -18.05 14.09
CA ARG A 34 13.81 -19.32 14.46
C ARG A 34 13.01 -20.00 15.57
N GLN A 35 12.53 -19.23 16.53
CA GLN A 35 11.63 -19.79 17.53
C GLN A 35 10.34 -20.28 16.89
N ALA A 36 10.04 -19.84 15.67
CA ALA A 36 8.88 -20.29 14.92
C ALA A 36 9.17 -21.50 14.06
N GLY A 37 10.38 -22.06 14.13
CA GLY A 37 10.77 -23.12 13.23
C GLY A 37 11.09 -22.68 11.82
N ILE A 38 11.34 -21.40 11.62
CA ILE A 38 11.74 -20.85 10.33
C ILE A 38 13.25 -20.79 10.28
N ASP A 39 13.83 -21.32 9.20
CA ASP A 39 15.27 -21.20 8.99
C ASP A 39 15.60 -19.76 8.58
N VAL A 40 16.54 -19.14 9.29
CA VAL A 40 16.87 -17.73 9.14
C VAL A 40 18.32 -17.60 8.67
N ALA A 41 18.53 -16.77 7.65
CA ALA A 41 19.87 -16.33 7.28
C ALA A 41 19.89 -14.80 7.29
N VAL A 42 21.01 -14.22 7.71
CA VAL A 42 21.17 -12.77 7.82
C VAL A 42 22.38 -12.35 7.00
N CYS A 43 22.18 -11.36 6.15
CA CYS A 43 23.17 -10.93 5.17
C CYS A 43 23.53 -9.47 5.40
N LYS A 44 24.80 -9.13 5.22
CA LYS A 44 25.29 -7.77 5.44
C LYS A 44 26.33 -7.44 4.36
N PRO A 45 25.88 -7.03 3.17
CA PRO A 45 26.84 -6.86 2.06
C PRO A 45 27.89 -5.78 2.29
N VAL A 46 27.55 -4.69 2.95
CA VAL A 46 28.51 -3.62 3.21
C VAL A 46 28.55 -3.37 4.71
N GLN A 47 29.72 -3.58 5.31
CA GLN A 47 29.94 -3.38 6.73
C GLN A 47 31.13 -2.45 6.90
N THR A 48 30.91 -1.29 7.49
CA THR A 48 31.95 -0.31 7.76
C THR A 48 32.28 -0.33 9.25
N GLY A 49 33.22 0.52 9.66
CA GLY A 49 33.55 0.59 11.07
C GLY A 49 34.26 -0.62 11.63
N THR A 50 34.85 -1.47 10.79
CA THR A 50 35.50 -2.68 11.28
C THR A 50 36.70 -2.35 12.17
N ALA A 51 37.41 -1.26 11.86
CA ALA A 51 38.51 -0.77 12.71
C ALA A 51 38.04 -0.28 14.07
N ARG A 52 36.74 -0.13 14.25
CA ARG A 52 36.14 0.22 15.53
C ARG A 52 35.58 -1.02 16.22
N GLY A 53 35.60 -2.16 15.55
CA GLY A 53 34.98 -3.35 16.07
C GLY A 53 33.56 -3.55 15.57
N ASP A 54 33.07 -2.68 14.70
CA ASP A 54 31.71 -2.80 14.17
C ASP A 54 31.59 -4.09 13.38
N ASP A 55 30.66 -4.95 13.79
CA ASP A 55 30.41 -6.19 13.05
C ASP A 55 28.96 -6.59 13.34
N ASP A 56 28.06 -6.22 12.43
CA ASP A 56 26.63 -6.41 12.67
C ASP A 56 26.23 -7.87 12.46
N LEU A 57 26.87 -8.54 11.51
CA LEU A 57 26.68 -9.98 11.40
C LEU A 57 26.99 -10.68 12.71
N ALA A 58 28.13 -10.35 13.31
CA ALA A 58 28.52 -10.98 14.56
C ALA A 58 27.54 -10.65 15.68
N GLU A 59 27.09 -9.39 15.74
CA GLU A 59 26.12 -8.99 16.75
C GLU A 59 24.82 -9.78 16.61
N VAL A 60 24.35 -9.98 15.37
CA VAL A 60 23.12 -10.74 15.14
C VAL A 60 23.28 -12.16 15.65
N GLY A 61 24.37 -12.83 15.26
CA GLY A 61 24.62 -14.16 15.77
C GLY A 61 24.70 -14.20 17.28
N ARG A 62 25.49 -13.30 17.87
CA ARG A 62 25.61 -13.25 19.32
C ARG A 62 24.26 -13.08 20.01
N LEU A 63 23.33 -12.37 19.36
CA LEU A 63 22.06 -12.06 20.01
C LEU A 63 21.00 -13.11 19.74
N ALA A 64 20.91 -13.61 18.51
CA ALA A 64 19.87 -14.55 18.12
C ALA A 64 20.39 -15.95 17.80
N GLY A 65 21.68 -16.21 18.02
CA GLY A 65 22.24 -17.50 17.69
C GLY A 65 22.11 -17.88 16.23
N VAL A 66 21.96 -16.90 15.34
CA VAL A 66 21.93 -17.19 13.91
C VAL A 66 23.34 -17.57 13.49
N THR A 67 23.46 -18.71 12.80
CA THR A 67 24.75 -19.20 12.37
C THR A 67 24.99 -18.98 10.89
N GLN A 68 23.93 -18.91 10.09
CA GLN A 68 24.03 -18.63 8.65
C GLN A 68 24.15 -17.12 8.48
N LEU A 69 25.39 -16.64 8.40
CA LEU A 69 25.71 -15.22 8.37
C LEU A 69 26.62 -14.97 7.17
N ALA A 70 26.25 -14.00 6.35
CA ALA A 70 26.91 -13.79 5.07
C ALA A 70 27.29 -12.32 4.93
N GLY A 71 28.59 -12.05 4.85
CA GLY A 71 29.09 -10.73 4.57
C GLY A 71 29.74 -10.69 3.19
N LEU A 72 30.27 -9.52 2.87
CA LEU A 72 30.94 -9.35 1.59
C LEU A 72 31.97 -8.23 1.72
N ALA A 73 31.53 -6.99 1.72
CA ALA A 73 32.46 -5.86 1.82
C ALA A 73 32.62 -5.46 3.29
N ARG A 74 33.88 -5.27 3.69
CA ARG A 74 34.23 -4.76 5.01
C ARG A 74 35.16 -3.56 4.86
N TYR A 75 34.89 -2.50 5.63
CA TYR A 75 35.71 -1.30 5.59
C TYR A 75 36.05 -0.87 7.01
N PRO A 76 37.26 -0.29 7.24
CA PRO A 76 37.68 0.05 8.61
C PRO A 76 36.96 1.26 9.20
N GLN A 77 36.87 2.37 8.48
CA GLN A 77 36.36 3.62 9.04
C GLN A 77 34.84 3.58 9.24
N PRO A 78 34.33 4.06 10.39
CA PRO A 78 32.86 4.18 10.55
C PRO A 78 32.31 5.43 9.86
N MET A 79 32.25 5.34 8.53
CA MET A 79 31.67 6.35 7.67
C MET A 79 30.76 5.64 6.67
N ALA A 80 30.03 6.43 5.90
CA ALA A 80 29.27 5.89 4.78
C ALA A 80 30.16 4.99 3.93
N PRO A 81 29.64 3.85 3.46
CA PRO A 81 30.42 2.92 2.62
C PRO A 81 31.33 3.58 1.59
N ALA A 82 30.80 4.54 0.83
CA ALA A 82 31.61 5.16 -0.22
C ALA A 82 32.84 5.83 0.39
N ALA A 83 32.67 6.50 1.53
CA ALA A 83 33.77 7.24 2.12
C ALA A 83 34.67 6.32 2.94
N ALA A 84 34.13 5.24 3.47
CA ALA A 84 34.99 4.21 4.04
C ALA A 84 35.84 3.58 2.96
N ALA A 85 35.24 3.22 1.82
CA ALA A 85 36.03 2.67 0.72
C ALA A 85 37.17 3.60 0.35
N GLU A 86 36.87 4.86 0.02
CA GLU A 86 37.90 5.79 -0.44
C GLU A 86 39.02 5.91 0.59
N HIS A 87 38.68 5.92 1.87
CA HIS A 87 39.70 6.10 2.90
C HIS A 87 40.67 4.91 2.94
N ALA A 88 40.14 3.68 2.80
CA ALA A 88 40.95 2.47 2.82
C ALA A 88 41.61 2.17 1.48
N GLY A 89 41.40 3.01 0.47
CA GLY A 89 41.90 2.71 -0.85
C GLY A 89 41.17 1.61 -1.57
N MET A 90 40.01 1.20 -1.07
CA MET A 90 39.25 0.14 -1.68
C MET A 90 38.09 0.72 -2.47
N ALA A 91 37.44 -0.14 -3.25
CA ALA A 91 36.25 0.21 -4.01
C ALA A 91 35.06 -0.52 -3.42
N LEU A 92 33.87 0.04 -3.62
CA LEU A 92 32.67 -0.63 -3.19
C LEU A 92 32.45 -1.87 -4.06
N PRO A 93 31.74 -2.87 -3.55
CA PRO A 93 31.35 -4.00 -4.41
C PRO A 93 30.50 -3.51 -5.55
N ALA A 94 30.23 -4.41 -6.48
CA ALA A 94 29.36 -4.10 -7.60
C ALA A 94 27.95 -4.62 -7.31
N ARG A 95 26.98 -4.01 -7.98
CA ARG A 95 25.59 -4.36 -7.73
C ARG A 95 25.37 -5.86 -7.91
N ASP A 96 25.94 -6.44 -8.97
CA ASP A 96 25.75 -7.87 -9.19
C ASP A 96 26.47 -8.70 -8.13
N GLN A 97 27.53 -8.17 -7.50
CA GLN A 97 28.17 -8.91 -6.41
C GLN A 97 27.26 -8.98 -5.18
N ILE A 98 26.61 -7.86 -4.85
CA ILE A 98 25.64 -7.85 -3.75
C ILE A 98 24.48 -8.77 -4.07
N VAL A 99 23.96 -8.68 -5.29
CA VAL A 99 22.82 -9.49 -5.69
C VAL A 99 23.17 -10.97 -5.64
N ARG A 100 24.36 -11.32 -6.17
CA ARG A 100 24.85 -12.69 -6.12
C ARG A 100 24.91 -13.20 -4.69
N LEU A 101 25.48 -12.41 -3.78
CA LEU A 101 25.59 -12.81 -2.38
C LEU A 101 24.22 -13.14 -1.76
N ILE A 102 23.17 -12.40 -2.14
CA ILE A 102 21.84 -12.64 -1.57
C ILE A 102 21.21 -13.89 -2.19
N ALA A 103 21.14 -13.93 -3.54
CA ALA A 103 20.58 -15.09 -4.24
C ALA A 103 21.15 -16.42 -3.77
N ASP A 104 22.46 -16.46 -3.45
CA ASP A 104 23.09 -17.71 -3.03
C ASP A 104 22.54 -18.23 -1.70
N LEU A 105 21.89 -17.38 -0.90
CA LEU A 105 21.31 -17.79 0.37
C LEU A 105 19.83 -18.08 0.24
N ASP A 106 19.20 -17.65 -0.84
CA ASP A 106 17.75 -17.73 -0.95
C ASP A 106 17.30 -19.16 -1.16
N ARG A 107 16.33 -19.60 -0.36
CA ARG A 107 16.00 -21.01 -0.26
C ARG A 107 14.61 -21.11 0.36
N PRO A 108 13.76 -22.02 -0.12
CA PRO A 108 12.37 -22.02 0.37
C PRO A 108 12.30 -22.44 1.83
N GLY A 109 11.37 -21.82 2.57
CA GLY A 109 11.28 -22.04 4.00
C GLY A 109 12.29 -21.26 4.81
N ARG A 110 13.20 -20.55 4.15
CA ARG A 110 14.19 -19.70 4.79
C ARG A 110 13.88 -18.23 4.58
N LEU A 111 13.90 -17.48 5.68
CA LEU A 111 13.86 -16.02 5.67
C LEU A 111 15.29 -15.50 5.59
N THR A 112 15.66 -14.94 4.44
CA THR A 112 16.93 -14.23 4.28
C THR A 112 16.72 -12.74 4.60
N LEU A 113 17.34 -12.26 5.68
CA LEU A 113 17.36 -10.84 6.01
C LEU A 113 18.61 -10.18 5.43
N VAL A 114 18.43 -9.05 4.74
CA VAL A 114 19.52 -8.28 4.14
C VAL A 114 19.62 -6.98 4.90
N GLU A 115 20.58 -6.88 5.81
CA GLU A 115 20.75 -5.65 6.58
C GLU A 115 21.52 -4.62 5.76
N GLY A 116 20.96 -3.41 5.70
CA GLY A 116 21.62 -2.32 4.99
C GLY A 116 22.68 -1.63 5.83
N ALA A 117 23.47 -0.82 5.14
CA ALA A 117 24.37 0.12 5.79
C ALA A 117 23.64 1.46 5.92
N GLY A 118 23.43 1.93 7.14
CA GLY A 118 22.76 3.22 7.28
C GLY A 118 21.32 3.15 6.81
N GLY A 119 20.90 4.20 6.09
CA GLY A 119 19.54 4.29 5.59
C GLY A 119 19.37 3.86 4.13
N LEU A 120 18.10 3.82 3.72
CA LEU A 120 17.71 3.26 2.43
C LEU A 120 18.58 3.74 1.28
N LEU A 121 18.86 5.05 1.20
CA LEU A 121 19.50 5.60 0.02
C LEU A 121 21.02 5.69 0.14
N VAL A 122 21.59 5.06 1.17
CA VAL A 122 23.03 4.98 1.31
C VAL A 122 23.59 4.22 0.12
N GLU A 123 24.53 4.85 -0.59
CA GLU A 123 25.16 4.21 -1.74
C GLU A 123 25.91 2.95 -1.31
N LEU A 124 25.53 1.83 -1.91
CA LEU A 124 26.15 0.55 -1.60
C LEU A 124 27.14 0.11 -2.66
N ALA A 125 27.04 0.62 -3.87
CA ALA A 125 27.81 0.18 -5.01
C ALA A 125 27.78 1.29 -6.04
N GLU A 126 28.74 1.30 -6.91
CA GLU A 126 28.74 2.38 -7.87
C GLU A 126 27.89 2.02 -9.09
N PRO A 127 27.21 3.00 -9.72
CA PRO A 127 27.05 4.40 -9.32
C PRO A 127 25.68 4.67 -8.70
N GLY A 128 25.66 5.09 -7.44
CA GLY A 128 24.42 5.40 -6.75
C GLY A 128 23.53 4.21 -6.49
N VAL A 129 24.04 2.98 -6.63
CA VAL A 129 23.26 1.79 -6.34
C VAL A 129 23.02 1.72 -4.84
N THR A 130 21.76 1.62 -4.44
CA THR A 130 21.40 1.62 -3.03
C THR A 130 20.81 0.28 -2.66
N LEU A 131 20.42 0.15 -1.39
CA LEU A 131 19.67 -1.04 -0.99
C LEU A 131 18.33 -1.12 -1.71
N ARG A 132 17.73 0.03 -2.04
CA ARG A 132 16.48 0.02 -2.78
C ARG A 132 16.63 -0.73 -4.10
N ASP A 133 17.68 -0.42 -4.87
CA ASP A 133 17.96 -1.15 -6.09
C ASP A 133 18.18 -2.62 -5.83
N VAL A 134 18.92 -2.96 -4.78
CA VAL A 134 19.16 -4.36 -4.46
C VAL A 134 17.85 -5.07 -4.12
N ALA A 135 16.92 -4.36 -3.46
CA ALA A 135 15.61 -4.95 -3.18
C ALA A 135 14.85 -5.22 -4.47
N VAL A 136 14.95 -4.31 -5.45
CA VAL A 136 14.34 -4.57 -6.75
C VAL A 136 14.96 -5.82 -7.38
N ASP A 137 16.29 -5.84 -7.49
CA ASP A 137 16.98 -6.95 -8.12
C ASP A 137 16.58 -8.30 -7.56
N VAL A 138 16.30 -8.38 -6.27
CA VAL A 138 15.97 -9.67 -5.67
C VAL A 138 14.52 -9.75 -5.22
N ALA A 139 13.68 -8.80 -5.65
CA ALA A 139 12.25 -8.85 -5.38
C ALA A 139 11.97 -8.93 -3.88
N ALA A 140 12.72 -8.16 -3.10
CA ALA A 140 12.56 -8.15 -1.65
C ALA A 140 11.57 -7.07 -1.23
N ALA A 141 10.87 -7.34 -0.14
CA ALA A 141 10.20 -6.28 0.60
C ALA A 141 11.20 -5.62 1.53
N ALA A 142 10.90 -4.39 1.93
CA ALA A 142 11.69 -3.66 2.91
C ALA A 142 10.96 -3.67 4.23
N LEU A 143 11.66 -4.09 5.29
CA LEU A 143 11.26 -3.78 6.65
C LEU A 143 12.03 -2.54 7.09
N VAL A 144 11.32 -1.53 7.59
CA VAL A 144 11.90 -0.22 7.84
C VAL A 144 11.99 0.01 9.34
N VAL A 145 13.21 0.17 9.83
CA VAL A 145 13.43 0.39 11.27
C VAL A 145 13.35 1.89 11.56
N VAL A 146 12.47 2.28 12.47
CA VAL A 146 12.22 3.68 12.78
C VAL A 146 12.54 3.93 14.26
N THR A 147 12.56 5.21 14.63
CA THR A 147 12.63 5.62 16.02
C THR A 147 11.27 6.14 16.47
N ALA A 148 11.12 6.28 17.77
CA ALA A 148 9.98 6.98 18.35
C ALA A 148 10.26 8.46 18.58
N ASP A 149 11.45 8.94 18.24
CA ASP A 149 11.86 10.31 18.55
C ASP A 149 11.29 11.28 17.54
N LEU A 150 11.25 12.55 17.91
CA LEU A 150 10.62 13.47 16.99
C LEU A 150 11.50 13.67 15.76
N GLY A 151 10.84 13.93 14.63
CA GLY A 151 11.43 13.81 13.33
C GLY A 151 11.18 12.49 12.65
N THR A 152 10.62 11.50 13.37
CA THR A 152 10.54 10.15 12.81
C THR A 152 9.47 10.07 11.72
N LEU A 153 8.31 10.69 11.93
CA LEU A 153 7.25 10.62 10.93
C LEU A 153 7.75 11.14 9.57
N ASN A 154 8.45 12.27 9.57
CA ASN A 154 9.01 12.78 8.33
C ASN A 154 9.99 11.80 7.73
N HIS A 155 10.95 11.34 8.53
CA HIS A 155 11.97 10.40 8.05
C HIS A 155 11.33 9.12 7.52
N THR A 156 10.26 8.66 8.19
CA THR A 156 9.61 7.42 7.75
C THR A 156 8.83 7.64 6.47
N LYS A 157 8.11 8.77 6.37
CA LYS A 157 7.37 9.02 5.13
C LYS A 157 8.33 9.18 3.97
N LEU A 158 9.50 9.77 4.20
CA LEU A 158 10.46 9.88 3.10
C LEU A 158 10.92 8.51 2.65
N THR A 159 11.19 7.62 3.60
CA THR A 159 11.67 6.29 3.27
C THR A 159 10.59 5.47 2.56
N LEU A 160 9.36 5.46 3.09
CA LEU A 160 8.29 4.76 2.39
C LEU A 160 8.07 5.38 1.02
N GLU A 161 8.16 6.71 0.94
CA GLU A 161 7.97 7.33 -0.37
C GLU A 161 8.99 6.82 -1.35
N ALA A 162 10.25 6.69 -0.91
CA ALA A 162 11.33 6.23 -1.76
C ALA A 162 11.20 4.76 -2.09
N LEU A 163 10.68 3.94 -1.17
CA LEU A 163 10.35 2.55 -1.48
C LEU A 163 9.29 2.48 -2.57
N ALA A 164 8.14 3.10 -2.31
CA ALA A 164 7.02 3.08 -3.26
C ALA A 164 7.43 3.59 -4.64
N ALA A 165 8.35 4.57 -4.70
CA ALA A 165 8.75 5.11 -5.99
C ALA A 165 9.45 4.08 -6.87
N GLN A 166 9.96 2.99 -6.28
CA GLN A 166 10.55 1.92 -7.03
C GLN A 166 9.74 0.64 -6.91
N GLN A 167 8.53 0.76 -6.37
CA GLN A 167 7.61 -0.35 -6.21
C GLN A 167 8.19 -1.46 -5.34
N VAL A 168 9.02 -1.09 -4.37
CA VAL A 168 9.46 -2.03 -3.34
C VAL A 168 8.43 -2.06 -2.22
N SER A 169 7.79 -3.19 -2.04
CA SER A 169 6.79 -3.33 -1.02
C SER A 169 7.38 -3.02 0.35
N CYS A 170 6.59 -2.38 1.20
CA CYS A 170 6.98 -2.14 2.58
C CYS A 170 6.41 -3.27 3.46
N ALA A 171 7.31 -4.13 3.95
CA ALA A 171 6.90 -5.16 4.89
C ALA A 171 6.41 -4.60 6.21
N GLY A 172 6.67 -3.33 6.48
CA GLY A 172 6.20 -2.69 7.68
C GLY A 172 7.33 -2.00 8.40
N LEU A 173 7.04 -1.57 9.63
CA LEU A 173 7.95 -0.78 10.45
C LEU A 173 8.25 -1.50 11.76
N VAL A 174 9.46 -1.30 12.26
CA VAL A 174 9.83 -1.71 13.61
C VAL A 174 10.41 -0.49 14.32
N ILE A 175 9.81 -0.10 15.44
CA ILE A 175 10.42 0.89 16.32
C ILE A 175 11.61 0.24 17.01
N GLY A 176 12.82 0.68 16.67
CA GLY A 176 14.04 0.05 17.16
C GLY A 176 14.19 0.10 18.67
N SER A 177 13.78 1.21 19.28
CA SER A 177 13.90 1.34 20.73
C SER A 177 12.63 1.95 21.27
N TRP A 178 11.91 1.21 22.11
CA TRP A 178 10.66 1.69 22.66
C TRP A 178 10.81 1.95 24.16
N PRO A 179 10.62 3.20 24.59
CA PRO A 179 10.91 3.54 25.98
C PRO A 179 9.86 3.04 26.95
N ASP A 180 10.33 2.70 28.14
CA ASP A 180 9.49 2.14 29.20
C ASP A 180 9.66 2.99 30.45
N PRO A 181 8.71 3.90 30.75
CA PRO A 181 7.47 4.15 30.00
C PRO A 181 7.65 5.16 28.86
N PRO A 182 6.66 5.28 27.98
CA PRO A 182 6.83 6.15 26.80
C PRO A 182 6.42 7.59 27.04
N GLY A 183 7.17 8.50 26.44
CA GLY A 183 6.84 9.91 26.55
C GLY A 183 5.59 10.27 25.77
N LEU A 184 5.14 11.52 25.98
CA LEU A 184 4.07 12.06 25.15
C LEU A 184 4.49 12.12 23.68
N VAL A 185 5.76 12.42 23.41
CA VAL A 185 6.23 12.42 22.02
C VAL A 185 6.32 10.99 21.49
N ALA A 186 6.79 10.06 22.32
CA ALA A 186 6.93 8.68 21.84
C ALA A 186 5.57 8.02 21.60
N ALA A 187 4.63 8.22 22.52
CA ALA A 187 3.29 7.66 22.34
C ALA A 187 2.59 8.24 21.11
N SER A 188 2.73 9.56 20.92
CA SER A 188 2.11 10.24 19.78
C SER A 188 2.67 9.70 18.48
N ASN A 189 4.00 9.67 18.34
CA ASN A 189 4.63 9.18 17.13
C ASN A 189 4.22 7.74 16.84
N ARG A 190 4.22 6.87 17.86
CA ARG A 190 3.88 5.47 17.61
C ARG A 190 2.49 5.33 17.04
N SER A 191 1.53 6.06 17.61
CA SER A 191 0.17 6.04 17.06
C SER A 191 0.16 6.57 15.64
N ALA A 192 0.90 7.65 15.38
CA ALA A 192 0.98 8.25 14.06
C ALA A 192 1.74 7.34 13.09
N LEU A 193 2.82 6.70 13.57
CA LEU A 193 3.55 5.75 12.73
C LEU A 193 2.65 4.61 12.30
N ALA A 194 1.85 4.07 13.24
CA ALA A 194 0.94 2.98 12.93
C ALA A 194 -0.14 3.39 11.93
N ARG A 195 -0.33 4.68 11.68
CA ARG A 195 -1.22 5.08 10.60
C ARG A 195 -0.50 5.15 9.27
N ILE A 196 0.83 5.22 9.28
CA ILE A 196 1.59 5.23 8.02
C ILE A 196 1.75 3.83 7.47
N ALA A 197 2.14 2.87 8.32
CA ALA A 197 2.34 1.51 7.91
C ALA A 197 2.20 0.65 9.16
N MET A 198 2.05 -0.66 8.94
CA MET A 198 1.94 -1.59 10.07
C MET A 198 3.22 -1.54 10.92
N VAL A 199 3.04 -1.44 12.24
CA VAL A 199 4.14 -1.45 13.19
C VAL A 199 4.32 -2.88 13.68
N ARG A 200 5.30 -3.60 13.13
CA ARG A 200 5.46 -5.02 13.39
C ARG A 200 5.92 -5.27 14.82
N ALA A 201 6.74 -4.39 15.36
CA ALA A 201 7.25 -4.57 16.71
C ALA A 201 7.81 -3.25 17.17
N ALA A 202 7.81 -3.05 18.48
CA ALA A 202 8.53 -1.96 19.10
C ALA A 202 9.44 -2.62 20.12
N LEU A 203 10.72 -2.79 19.75
CA LEU A 203 11.66 -3.46 20.64
C LEU A 203 11.90 -2.62 21.89
N PRO A 204 11.75 -3.22 23.09
CA PRO A 204 12.04 -2.49 24.33
C PRO A 204 13.43 -1.88 24.33
N ALA A 205 13.57 -0.76 25.02
CA ALA A 205 14.86 -0.09 25.09
C ALA A 205 15.86 -0.99 25.80
N GLY A 206 17.13 -0.94 25.34
CA GLY A 206 18.15 -1.79 25.89
C GLY A 206 18.01 -3.26 25.53
N ALA A 207 17.30 -3.58 24.45
CA ALA A 207 17.14 -4.97 24.05
C ALA A 207 18.47 -5.60 23.64
N ALA A 208 19.47 -4.79 23.31
CA ALA A 208 20.77 -5.36 22.94
C ALA A 208 21.55 -5.89 24.14
N SER A 209 21.21 -5.49 25.36
CA SER A 209 21.92 -5.89 26.57
C SER A 209 21.30 -7.10 27.25
N LEU A 210 20.50 -7.88 26.54
CA LEU A 210 19.89 -9.08 27.08
C LEU A 210 20.72 -10.31 26.74
N ASP A 211 20.83 -11.23 27.69
CA ASP A 211 21.43 -12.52 27.39
C ASP A 211 20.51 -13.29 26.43
N ALA A 212 21.06 -14.37 25.85
CA ALA A 212 20.32 -15.08 24.81
C ALA A 212 18.93 -15.50 25.29
N GLY A 213 18.78 -15.80 26.57
CA GLY A 213 17.50 -16.20 27.11
C GLY A 213 16.49 -15.08 27.11
N ASP A 214 16.84 -13.97 27.77
CA ASP A 214 15.95 -12.82 27.81
C ASP A 214 15.69 -12.26 26.41
N PHE A 215 16.70 -12.32 25.54
CA PHE A 215 16.53 -11.77 24.19
C PHE A 215 15.60 -12.63 23.35
N ALA A 216 15.65 -13.95 23.52
CA ALA A 216 14.72 -14.80 22.80
C ALA A 216 13.28 -14.58 23.28
N ALA A 217 13.09 -14.35 24.59
CA ALA A 217 11.75 -14.10 25.10
C ALA A 217 11.24 -12.74 24.69
N MET A 218 12.12 -11.74 24.61
CA MET A 218 11.74 -10.45 24.09
C MET A 218 11.35 -10.54 22.62
N SER A 219 12.18 -11.21 21.82
CA SER A 219 11.91 -11.32 20.39
C SER A 219 10.57 -11.98 20.14
N ALA A 220 10.27 -13.04 20.89
CA ALA A 220 9.03 -13.76 20.69
C ALA A 220 7.82 -12.91 21.06
N ALA A 221 7.97 -12.07 22.09
CA ALA A 221 6.89 -11.18 22.52
C ALA A 221 6.75 -9.96 21.63
N ALA A 222 7.84 -9.51 21.00
CA ALA A 222 7.83 -8.22 20.30
C ALA A 222 6.93 -8.25 19.06
N PHE A 223 6.93 -9.34 18.31
CA PHE A 223 6.18 -9.45 17.07
C PHE A 223 4.89 -10.25 17.27
N ASP A 224 4.07 -10.27 16.22
CA ASP A 224 2.92 -11.16 16.16
C ASP A 224 3.37 -12.51 15.62
N ARG A 225 3.02 -13.59 16.33
CA ARG A 225 3.32 -14.93 15.84
C ARG A 225 2.81 -15.10 14.41
N ASN A 226 1.51 -14.81 14.20
CA ASN A 226 0.88 -14.89 12.89
C ASN A 226 1.75 -14.26 11.80
N TRP A 227 2.22 -13.03 12.05
CA TRP A 227 2.91 -12.31 10.99
C TRP A 227 4.27 -12.93 10.71
N VAL A 228 4.99 -13.31 11.76
CA VAL A 228 6.26 -13.99 11.57
C VAL A 228 6.06 -15.29 10.80
N ALA A 229 5.18 -16.16 11.33
CA ALA A 229 4.92 -17.44 10.68
C ALA A 229 4.50 -17.25 9.23
N GLY A 230 3.72 -16.20 8.94
CA GLY A 230 3.25 -15.88 7.61
C GLY A 230 4.31 -15.31 6.70
N LEU A 231 5.49 -15.02 7.22
CA LEU A 231 6.53 -14.43 6.37
C LEU A 231 7.04 -15.43 5.35
N VAL A 232 6.94 -16.71 5.65
CA VAL A 232 7.54 -17.72 4.79
C VAL A 232 6.64 -18.95 4.80
N GLY A 233 6.41 -19.50 3.62
CA GLY A 233 5.65 -20.72 3.50
C GLY A 233 6.48 -21.96 3.76
N GLY B 7 5.17 39.30 -9.00
CA GLY B 7 5.74 38.55 -7.89
C GLY B 7 7.13 39.03 -7.52
N GLY B 8 7.65 38.52 -6.41
CA GLY B 8 9.07 38.61 -6.13
C GLY B 8 9.66 37.22 -6.22
N THR B 9 10.30 36.75 -5.17
CA THR B 9 10.73 35.35 -5.11
C THR B 9 10.24 34.75 -3.80
N ILE B 10 9.61 33.58 -3.89
CA ILE B 10 9.21 32.81 -2.73
C ILE B 10 10.09 31.58 -2.66
N LEU B 11 10.77 31.42 -1.53
CA LEU B 11 11.67 30.31 -1.27
C LEU B 11 11.15 29.55 -0.06
N VAL B 12 10.88 28.26 -0.22
CA VAL B 12 10.63 27.45 0.97
C VAL B 12 11.97 26.98 1.53
N VAL B 13 12.15 27.12 2.82
CA VAL B 13 13.34 26.62 3.50
C VAL B 13 12.93 25.41 4.31
N THR B 14 13.32 24.22 3.86
CA THR B 14 13.00 22.99 4.57
C THR B 14 14.28 22.37 5.12
N GLY B 15 14.11 21.27 5.86
CA GLY B 15 15.21 20.60 6.49
C GLY B 15 15.10 19.09 6.31
N THR B 16 16.23 18.41 6.45
CA THR B 16 16.16 16.95 6.39
C THR B 16 15.58 16.35 7.66
N GLY B 17 15.35 17.15 8.68
CA GLY B 17 14.83 16.66 9.94
C GLY B 17 14.64 17.81 10.90
N THR B 18 14.46 17.49 12.17
CA THR B 18 14.37 18.55 13.14
C THR B 18 15.74 18.82 13.73
N GLY B 19 15.86 20.01 14.33
CA GLY B 19 17.09 20.40 15.00
C GLY B 19 18.31 20.39 14.09
N VAL B 20 18.16 20.82 12.85
CA VAL B 20 19.27 20.85 11.89
C VAL B 20 19.78 22.28 11.67
N GLY B 21 19.24 23.25 12.40
CA GLY B 21 19.59 24.64 12.21
C GLY B 21 18.78 25.39 11.18
N LYS B 22 17.55 24.93 10.88
CA LYS B 22 16.76 25.54 9.81
C LYS B 22 16.49 27.00 10.09
N THR B 23 15.99 27.29 11.30
CA THR B 23 15.66 28.66 11.67
C THR B 23 16.86 29.58 11.48
N VAL B 24 18.03 29.18 11.97
CA VAL B 24 19.16 30.08 11.92
C VAL B 24 19.64 30.20 10.46
N VAL B 25 19.40 29.16 9.66
CA VAL B 25 19.63 29.29 8.22
C VAL B 25 18.66 30.29 7.59
N CYS B 26 17.39 30.29 8.01
CA CYS B 26 16.46 31.31 7.52
C CYS B 26 16.91 32.70 7.91
N ALA B 27 17.29 32.86 9.18
CA ALA B 27 17.85 34.13 9.62
C ALA B 27 19.09 34.49 8.80
N ALA B 28 19.99 33.53 8.60
CA ALA B 28 21.24 33.80 7.91
C ALA B 28 21.01 34.19 6.45
N LEU B 29 20.19 33.42 5.72
CA LEU B 29 19.84 33.83 4.38
C LEU B 29 19.15 35.18 4.38
N ALA B 30 18.29 35.42 5.37
CA ALA B 30 17.57 36.69 5.44
C ALA B 30 18.54 37.85 5.59
N SER B 31 19.53 37.67 6.48
CA SER B 31 20.49 38.73 6.77
C SER B 31 21.42 38.97 5.58
N ALA B 32 21.91 37.89 4.97
CA ALA B 32 22.67 38.02 3.74
C ALA B 32 21.87 38.76 2.68
N ALA B 33 20.60 38.38 2.50
CA ALA B 33 19.80 39.03 1.46
C ALA B 33 19.58 40.50 1.77
N ARG B 34 19.23 40.83 3.03
CA ARG B 34 19.04 42.23 3.39
C ARG B 34 20.31 43.05 3.10
N GLN B 35 21.47 42.51 3.43
CA GLN B 35 22.71 43.25 3.21
C GLN B 35 22.98 43.46 1.74
N ALA B 36 22.41 42.62 0.88
CA ALA B 36 22.41 42.81 -0.56
C ALA B 36 21.33 43.79 -1.02
N GLY B 37 20.61 44.42 -0.10
CA GLY B 37 19.52 45.32 -0.46
C GLY B 37 18.19 44.67 -0.79
N ILE B 38 18.10 43.34 -0.81
CA ILE B 38 16.82 42.68 -1.05
C ILE B 38 15.94 42.86 0.18
N ASP B 39 14.69 43.22 -0.06
CA ASP B 39 13.68 43.19 1.00
C ASP B 39 13.34 41.74 1.34
N VAL B 40 13.22 41.43 2.63
CA VAL B 40 13.06 40.04 3.04
C VAL B 40 11.89 39.94 3.99
N ALA B 41 11.03 38.95 3.75
CA ALA B 41 10.00 38.56 4.68
C ALA B 41 10.21 37.09 4.99
N VAL B 42 9.76 36.65 6.17
CA VAL B 42 9.84 35.26 6.56
C VAL B 42 8.46 34.83 7.04
N CYS B 43 7.95 33.75 6.49
CA CYS B 43 6.68 33.20 6.89
C CYS B 43 6.95 31.85 7.52
N LYS B 44 6.69 31.75 8.83
CA LYS B 44 6.69 30.48 9.53
C LYS B 44 5.23 30.18 9.87
N PRO B 45 4.48 29.52 8.98
CA PRO B 45 3.02 29.38 9.21
C PRO B 45 2.70 28.71 10.53
N VAL B 46 3.39 27.62 10.86
CA VAL B 46 3.08 26.82 12.03
C VAL B 46 4.32 26.70 12.88
N GLN B 47 4.19 27.09 14.15
CA GLN B 47 5.24 27.04 15.14
C GLN B 47 4.84 26.08 16.25
N THR B 48 5.79 25.28 16.72
CA THR B 48 5.51 24.40 17.86
C THR B 48 6.53 24.66 18.97
N GLY B 49 6.38 23.90 20.04
CA GLY B 49 7.27 24.02 21.18
C GLY B 49 7.23 25.36 21.87
N THR B 50 6.12 26.09 21.78
CA THR B 50 6.10 27.45 22.30
C THR B 50 6.01 27.52 23.81
N ALA B 51 5.51 26.47 24.47
CA ALA B 51 5.41 26.50 25.93
C ALA B 51 6.76 26.73 26.59
N ARG B 52 7.84 26.34 25.91
CA ARG B 52 9.20 26.49 26.40
C ARG B 52 9.99 27.57 25.65
N GLY B 53 9.29 28.56 25.09
CA GLY B 53 9.91 29.75 24.55
C GLY B 53 10.05 29.82 23.04
N ASP B 54 10.15 28.66 22.35
CA ASP B 54 10.39 28.62 20.90
C ASP B 54 9.47 29.55 20.10
N ASP B 55 10.02 30.69 19.65
CA ASP B 55 9.38 31.53 18.64
C ASP B 55 10.45 31.77 17.57
N ASP B 56 10.39 30.99 16.48
CA ASP B 56 11.45 31.02 15.50
C ASP B 56 11.42 32.31 14.71
N LEU B 57 10.24 32.87 14.48
CA LEU B 57 10.16 34.17 13.83
C LEU B 57 10.88 35.24 14.66
N ALA B 58 10.70 35.23 15.98
CA ALA B 58 11.42 36.19 16.82
C ALA B 58 12.92 36.01 16.67
N GLU B 59 13.39 34.76 16.66
CA GLU B 59 14.78 34.44 16.33
C GLU B 59 15.24 35.15 15.07
N VAL B 60 14.52 34.94 13.97
CA VAL B 60 14.86 35.57 12.70
C VAL B 60 14.93 37.08 12.88
N GLY B 61 13.94 37.65 13.58
CA GLY B 61 13.94 39.09 13.79
C GLY B 61 15.17 39.55 14.55
N ARG B 62 15.45 38.87 15.66
CA ARG B 62 16.61 39.22 16.47
C ARG B 62 17.89 39.06 15.68
N LEU B 63 18.03 37.97 14.94
CA LEU B 63 19.31 37.69 14.29
C LEU B 63 19.48 38.48 13.00
N ALA B 64 18.41 38.65 12.22
CA ALA B 64 18.52 39.25 10.91
C ALA B 64 17.84 40.60 10.78
N GLY B 65 17.03 41.01 11.77
CA GLY B 65 16.29 42.25 11.67
C GLY B 65 15.09 42.25 10.74
N VAL B 66 14.64 41.09 10.26
CA VAL B 66 13.38 41.05 9.50
C VAL B 66 12.27 41.58 10.38
N THR B 67 11.41 42.42 9.80
CA THR B 67 10.20 42.83 10.50
C THR B 67 8.96 42.20 9.94
N GLN B 68 8.97 41.81 8.67
CA GLN B 68 7.84 41.14 8.04
C GLN B 68 7.89 39.67 8.38
N LEU B 69 7.29 39.32 9.52
CA LEU B 69 7.36 38.00 10.12
C LEU B 69 5.92 37.52 10.29
N ALA B 70 5.52 36.56 9.47
CA ALA B 70 4.13 36.18 9.34
C ALA B 70 3.95 34.74 9.79
N GLY B 71 2.94 34.52 10.63
CA GLY B 71 2.62 33.19 11.12
C GLY B 71 1.15 33.08 11.39
N LEU B 72 0.66 31.84 11.35
CA LEU B 72 -0.76 31.55 11.53
C LEU B 72 -1.08 30.81 12.82
N ALA B 73 -0.16 30.00 13.34
CA ALA B 73 -0.51 29.08 14.41
C ALA B 73 0.70 28.78 15.28
N ARG B 74 0.49 28.79 16.58
CA ARG B 74 1.52 28.44 17.54
C ARG B 74 0.97 27.37 18.48
N TYR B 75 1.72 26.30 18.66
CA TYR B 75 1.30 25.27 19.59
C TYR B 75 2.33 25.11 20.70
N PRO B 76 1.87 24.90 21.93
CA PRO B 76 2.82 24.81 23.07
C PRO B 76 3.69 23.57 23.03
N GLN B 77 3.12 22.40 22.72
CA GLN B 77 3.85 21.16 22.86
C GLN B 77 5.05 21.11 21.91
N PRO B 78 6.21 20.65 22.37
CA PRO B 78 7.39 20.46 21.49
C PRO B 78 7.29 19.17 20.71
N MET B 79 6.34 19.16 19.75
CA MET B 79 6.01 18.01 18.92
C MET B 79 5.89 18.45 17.48
N ALA B 80 5.56 17.50 16.60
CA ALA B 80 5.16 17.83 15.24
C ALA B 80 3.86 18.63 15.26
N PRO B 81 3.63 19.53 14.26
CA PRO B 81 2.37 20.30 14.22
C PRO B 81 1.12 19.46 14.43
N ALA B 82 0.91 18.44 13.58
CA ALA B 82 -0.27 17.58 13.72
C ALA B 82 -0.43 17.03 15.14
N ALA B 83 0.68 16.66 15.77
CA ALA B 83 0.63 16.02 17.09
C ALA B 83 0.39 17.04 18.18
N ALA B 84 1.08 18.18 18.11
CA ALA B 84 0.84 19.27 19.04
C ALA B 84 -0.60 19.78 18.95
N ALA B 85 -1.17 19.79 17.75
CA ALA B 85 -2.57 20.14 17.58
C ALA B 85 -3.47 19.13 18.25
N GLU B 86 -3.22 17.84 18.01
CA GLU B 86 -3.99 16.76 18.65
C GLU B 86 -4.00 16.93 20.15
N HIS B 87 -2.82 17.14 20.75
CA HIS B 87 -2.71 17.34 22.18
C HIS B 87 -3.40 18.63 22.63
N ALA B 88 -3.42 19.64 21.77
CA ALA B 88 -4.13 20.87 22.11
C ALA B 88 -5.63 20.77 21.83
N GLY B 89 -6.08 19.76 21.12
CA GLY B 89 -7.46 19.64 20.71
C GLY B 89 -7.91 20.61 19.64
N MET B 90 -6.97 21.31 19.00
CA MET B 90 -7.29 22.32 18.02
C MET B 90 -6.76 21.90 16.64
N ALA B 91 -7.54 22.19 15.61
CA ALA B 91 -7.10 21.86 14.27
C ALA B 91 -5.82 22.62 13.90
N LEU B 92 -5.22 22.21 12.79
CA LEU B 92 -4.17 22.96 12.10
C LEU B 92 -4.83 24.02 11.22
N PRO B 93 -4.07 25.02 10.75
CA PRO B 93 -4.65 25.94 9.77
C PRO B 93 -5.02 25.18 8.51
N ALA B 94 -5.72 25.87 7.61
CA ALA B 94 -6.10 25.28 6.33
C ALA B 94 -5.04 25.53 5.27
N ARG B 95 -5.00 24.66 4.27
CA ARG B 95 -4.10 24.81 3.14
C ARG B 95 -4.21 26.20 2.51
N ASP B 96 -5.45 26.68 2.31
CA ASP B 96 -5.67 28.01 1.70
C ASP B 96 -5.09 29.13 2.56
N GLN B 97 -5.24 29.02 3.88
CA GLN B 97 -4.65 30.01 4.78
C GLN B 97 -3.17 30.17 4.55
N ILE B 98 -2.45 29.04 4.43
CA ILE B 98 -1.00 29.11 4.34
C ILE B 98 -0.58 29.68 2.99
N VAL B 99 -1.24 29.24 1.92
CA VAL B 99 -0.90 29.71 0.59
C VAL B 99 -1.26 31.18 0.41
N ARG B 100 -2.46 31.59 0.83
CA ARG B 100 -2.87 32.98 0.65
C ARG B 100 -1.94 33.91 1.43
N LEU B 101 -1.63 33.55 2.67
CA LEU B 101 -0.72 34.35 3.48
C LEU B 101 0.62 34.55 2.77
N ILE B 102 1.21 33.46 2.27
CA ILE B 102 2.50 33.53 1.58
C ILE B 102 2.39 34.36 0.31
N ALA B 103 1.42 34.03 -0.54
CA ALA B 103 1.20 34.78 -1.79
C ALA B 103 1.02 36.28 -1.54
N ASP B 104 0.33 36.65 -0.45
CA ASP B 104 0.16 38.07 -0.12
C ASP B 104 1.43 38.71 0.43
N LEU B 105 2.35 37.94 1.00
CA LEU B 105 3.62 38.51 1.43
C LEU B 105 4.47 38.90 0.22
N ASP B 106 4.27 38.23 -0.90
CA ASP B 106 5.24 38.24 -1.99
C ASP B 106 5.00 39.44 -2.90
N ARG B 107 6.06 40.19 -3.18
CA ARG B 107 5.96 41.45 -3.91
C ARG B 107 7.29 41.69 -4.62
N PRO B 108 7.29 42.41 -5.74
CA PRO B 108 8.53 42.60 -6.49
C PRO B 108 9.65 43.13 -5.60
N GLY B 109 10.84 42.55 -5.78
CA GLY B 109 12.00 42.95 -5.02
C GLY B 109 12.14 42.31 -3.66
N ARG B 110 11.14 41.53 -3.21
CA ARG B 110 11.16 40.92 -1.89
C ARG B 110 11.48 39.44 -1.98
N LEU B 111 12.42 38.99 -1.16
CA LEU B 111 12.64 37.57 -0.92
C LEU B 111 11.72 37.15 0.22
N THR B 112 10.77 36.25 -0.08
CA THR B 112 9.88 35.70 0.92
C THR B 112 10.35 34.30 1.29
N LEU B 113 10.84 34.14 2.51
CA LEU B 113 11.26 32.84 3.01
C LEU B 113 10.09 32.17 3.72
N VAL B 114 9.91 30.88 3.46
CA VAL B 114 8.82 30.12 4.04
C VAL B 114 9.45 29.01 4.86
N GLU B 115 9.54 29.20 6.17
CA GLU B 115 10.14 28.18 7.02
C GLU B 115 9.14 27.08 7.33
N GLY B 116 9.55 25.83 7.10
CA GLY B 116 8.75 24.71 7.55
C GLY B 116 8.94 24.41 9.04
N ALA B 117 8.09 23.52 9.53
CA ALA B 117 8.27 22.90 10.83
C ALA B 117 8.88 21.52 10.62
N GLY B 118 10.04 21.28 11.21
CA GLY B 118 10.74 20.02 10.99
C GLY B 118 11.05 19.81 9.52
N GLY B 119 10.84 18.58 9.07
CA GLY B 119 11.21 18.17 7.73
C GLY B 119 10.13 18.41 6.67
N LEU B 120 10.44 17.99 5.46
CA LEU B 120 9.66 18.36 4.28
C LEU B 120 8.25 17.80 4.31
N LEU B 121 8.06 16.60 4.87
CA LEU B 121 6.77 15.93 4.78
C LEU B 121 5.98 15.98 6.09
N VAL B 122 6.34 16.86 7.05
CA VAL B 122 5.53 16.94 8.25
C VAL B 122 4.26 17.71 7.92
N GLU B 123 3.14 17.24 8.46
CA GLU B 123 1.85 17.83 8.16
C GLU B 123 1.82 19.26 8.65
N LEU B 124 1.52 20.20 7.76
CA LEU B 124 1.43 21.61 8.12
C LEU B 124 -0.01 22.12 8.23
N ALA B 125 -0.89 21.62 7.37
CA ALA B 125 -2.28 22.05 7.33
C ALA B 125 -3.16 20.84 7.14
N GLU B 126 -4.47 21.04 7.27
CA GLU B 126 -5.44 19.98 7.11
C GLU B 126 -5.96 19.95 5.67
N PRO B 127 -6.16 18.74 5.10
CA PRO B 127 -5.75 17.44 5.62
C PRO B 127 -4.43 16.91 5.03
N GLY B 128 -3.49 16.58 5.90
CA GLY B 128 -2.24 15.97 5.46
C GLY B 128 -1.43 16.77 4.47
N VAL B 129 -1.53 18.10 4.47
CA VAL B 129 -0.80 18.90 3.48
C VAL B 129 0.53 19.36 4.06
N THR B 130 1.57 19.27 3.24
CA THR B 130 2.95 19.48 3.66
C THR B 130 3.51 20.76 3.07
N LEU B 131 4.73 21.09 3.53
CA LEU B 131 5.48 22.17 2.91
C LEU B 131 5.74 21.90 1.43
N ARG B 132 5.87 20.63 1.04
CA ARG B 132 5.99 20.29 -0.37
C ARG B 132 4.74 20.71 -1.15
N ASP B 133 3.55 20.43 -0.59
CA ASP B 133 2.31 20.86 -1.22
C ASP B 133 2.29 22.38 -1.37
N VAL B 134 2.64 23.07 -0.30
CA VAL B 134 2.68 24.52 -0.34
C VAL B 134 3.69 25.01 -1.37
N ALA B 135 4.84 24.33 -1.47
CA ALA B 135 5.81 24.75 -2.49
C ALA B 135 5.19 24.68 -3.89
N VAL B 136 4.40 23.64 -4.16
CA VAL B 136 3.81 23.50 -5.48
C VAL B 136 2.81 24.61 -5.74
N ASP B 137 1.89 24.81 -4.78
CA ASP B 137 0.85 25.83 -4.92
C ASP B 137 1.42 27.21 -5.21
N VAL B 138 2.51 27.59 -4.55
CA VAL B 138 3.09 28.92 -4.76
C VAL B 138 4.28 28.90 -5.71
N ALA B 139 4.56 27.76 -6.35
CA ALA B 139 5.61 27.64 -7.36
C ALA B 139 6.99 28.01 -6.82
N ALA B 140 7.30 27.55 -5.61
CA ALA B 140 8.54 27.92 -4.94
C ALA B 140 9.57 26.80 -5.06
N ALA B 141 10.84 27.19 -5.24
CA ALA B 141 11.95 26.27 -5.08
C ALA B 141 12.17 26.04 -3.59
N ALA B 142 12.93 24.99 -3.26
CA ALA B 142 13.17 24.63 -1.87
C ALA B 142 14.66 24.63 -1.58
N LEU B 143 15.04 25.42 -0.57
CA LEU B 143 16.34 25.34 0.06
C LEU B 143 16.28 24.32 1.18
N VAL B 144 17.23 23.37 1.19
CA VAL B 144 17.19 22.24 2.12
C VAL B 144 18.33 22.37 3.13
N VAL B 145 17.97 22.53 4.39
CA VAL B 145 18.98 22.55 5.45
C VAL B 145 19.36 21.12 5.81
N VAL B 146 20.67 20.85 5.80
CA VAL B 146 21.22 19.52 6.00
C VAL B 146 22.26 19.63 7.11
N THR B 147 22.55 18.50 7.74
CA THR B 147 23.64 18.45 8.69
C THR B 147 24.87 17.87 8.03
N ALA B 148 25.99 17.98 8.74
CA ALA B 148 27.24 17.42 8.26
C ALA B 148 27.52 16.07 8.87
N ASP B 149 26.64 15.58 9.75
CA ASP B 149 26.87 14.34 10.48
C ASP B 149 26.58 13.10 9.63
N LEU B 150 27.06 11.96 10.12
CA LEU B 150 26.67 10.67 9.58
C LEU B 150 25.16 10.58 9.44
N GLY B 151 24.70 10.01 8.32
CA GLY B 151 23.30 9.92 8.04
C GLY B 151 22.76 11.03 7.17
N THR B 152 23.54 12.09 6.93
CA THR B 152 22.99 13.24 6.22
C THR B 152 22.79 12.95 4.75
N LEU B 153 23.59 12.06 4.17
CA LEU B 153 23.49 11.81 2.73
C LEU B 153 22.21 11.05 2.41
N ASN B 154 21.91 9.98 3.17
CA ASN B 154 20.63 9.30 3.04
C ASN B 154 19.51 10.30 3.21
N HIS B 155 19.58 11.12 4.26
CA HIS B 155 18.51 12.06 4.54
C HIS B 155 18.41 13.12 3.47
N THR B 156 19.54 13.56 2.91
CA THR B 156 19.48 14.55 1.84
C THR B 156 18.95 13.93 0.57
N LYS B 157 19.43 12.73 0.23
CA LYS B 157 18.95 12.07 -0.99
C LYS B 157 17.46 11.77 -0.89
N LEU B 158 17.00 11.39 0.30
CA LEU B 158 15.57 11.21 0.54
C LEU B 158 14.81 12.50 0.32
N THR B 159 15.33 13.60 0.86
CA THR B 159 14.58 14.83 0.75
C THR B 159 14.55 15.33 -0.69
N LEU B 160 15.66 15.24 -1.42
CA LEU B 160 15.64 15.74 -2.80
C LEU B 160 14.82 14.84 -3.69
N GLU B 161 14.78 13.54 -3.42
CA GLU B 161 13.84 12.68 -4.13
C GLU B 161 12.41 13.12 -3.89
N ALA B 162 12.05 13.44 -2.64
CA ALA B 162 10.68 13.86 -2.35
C ALA B 162 10.36 15.17 -3.04
N LEU B 163 11.32 16.10 -3.04
CA LEU B 163 11.19 17.35 -3.80
C LEU B 163 10.93 17.10 -5.27
N ALA B 164 11.70 16.17 -5.86
CA ALA B 164 11.67 16.01 -7.32
C ALA B 164 10.43 15.26 -7.78
N ALA B 165 9.85 14.42 -6.92
CA ALA B 165 8.64 13.70 -7.31
C ALA B 165 7.50 14.67 -7.64
N GLN B 166 7.47 15.84 -7.01
CA GLN B 166 6.47 16.85 -7.30
C GLN B 166 7.03 18.03 -8.07
N GLN B 167 8.13 17.80 -8.81
CA GLN B 167 8.78 18.86 -9.58
C GLN B 167 8.96 20.13 -8.76
N VAL B 168 9.28 19.98 -7.49
CA VAL B 168 9.71 21.11 -6.68
C VAL B 168 11.21 21.23 -6.85
N SER B 169 11.63 22.35 -7.40
CA SER B 169 13.03 22.58 -7.68
C SER B 169 13.81 22.73 -6.37
N CYS B 170 15.03 22.22 -6.36
CA CYS B 170 15.91 22.36 -5.19
C CYS B 170 16.81 23.59 -5.37
N ALA B 171 16.65 24.55 -4.48
CA ALA B 171 17.43 25.77 -4.49
C ALA B 171 18.88 25.55 -4.06
N GLY B 172 19.22 24.37 -3.58
CA GLY B 172 20.51 24.12 -2.99
C GLY B 172 20.40 23.63 -1.56
N LEU B 173 21.57 23.35 -0.98
CA LEU B 173 21.69 22.87 0.38
C LEU B 173 22.43 23.92 1.24
N VAL B 174 22.08 23.92 2.52
CA VAL B 174 22.84 24.68 3.51
C VAL B 174 23.11 23.76 4.70
N ILE B 175 24.39 23.56 5.00
CA ILE B 175 24.79 22.87 6.21
C ILE B 175 24.42 23.76 7.39
N GLY B 176 23.56 23.24 8.28
CA GLY B 176 23.06 24.06 9.37
C GLY B 176 24.12 24.42 10.39
N SER B 177 25.03 23.49 10.66
CA SER B 177 26.08 23.72 11.65
C SER B 177 27.34 23.04 11.14
N TRP B 178 28.37 23.82 10.88
CA TRP B 178 29.65 23.25 10.49
C TRP B 178 30.53 23.13 11.73
N PRO B 179 30.91 21.94 12.14
CA PRO B 179 31.68 21.79 13.38
C PRO B 179 33.11 22.31 13.26
N ASP B 180 33.70 22.59 14.41
CA ASP B 180 35.10 23.02 14.48
C ASP B 180 35.85 22.23 15.55
N PRO B 181 36.92 21.50 15.21
CA PRO B 181 37.37 21.26 13.83
C PRO B 181 36.40 20.33 13.11
N PRO B 182 36.35 20.38 11.77
CA PRO B 182 35.36 19.58 11.03
C PRO B 182 35.24 18.14 11.51
N GLY B 183 36.30 17.36 11.41
CA GLY B 183 36.17 15.92 11.57
C GLY B 183 36.18 15.23 10.22
N LEU B 184 36.56 13.95 10.22
CA LEU B 184 36.67 13.21 8.96
C LEU B 184 35.30 13.06 8.31
N VAL B 185 34.30 12.63 9.07
CA VAL B 185 32.96 12.42 8.53
C VAL B 185 32.38 13.74 8.00
N ALA B 186 32.35 14.76 8.86
CA ALA B 186 31.93 16.09 8.42
C ALA B 186 32.67 16.49 7.16
N ALA B 187 34.00 16.34 7.17
CA ALA B 187 34.80 16.68 5.99
C ALA B 187 34.32 15.92 4.76
N SER B 188 34.14 14.60 4.90
CA SER B 188 33.74 13.80 3.75
C SER B 188 32.34 14.13 3.31
N ASN B 189 31.42 14.32 4.26
CA ASN B 189 30.04 14.64 3.92
C ASN B 189 29.94 15.94 3.13
N ARG B 190 30.76 16.92 3.46
CA ARG B 190 30.66 18.19 2.76
C ARG B 190 30.98 18.03 1.28
N SER B 191 31.94 17.16 0.96
CA SER B 191 32.21 16.84 -0.44
C SER B 191 31.09 16.02 -1.04
N ALA B 192 30.69 14.96 -0.34
CA ALA B 192 29.60 14.12 -0.85
C ALA B 192 28.33 14.94 -1.07
N LEU B 193 28.00 15.84 -0.13
CA LEU B 193 26.83 16.70 -0.29
C LEU B 193 26.89 17.52 -1.56
N ALA B 194 28.06 18.10 -1.87
CA ALA B 194 28.14 18.95 -3.05
C ALA B 194 28.16 18.13 -4.34
N ARG B 195 28.37 16.82 -4.26
CA ARG B 195 28.21 15.99 -5.43
C ARG B 195 26.75 15.75 -5.80
N ILE B 196 25.81 16.20 -4.97
CA ILE B 196 24.41 15.90 -5.26
C ILE B 196 23.57 17.16 -5.25
N ALA B 197 24.13 18.28 -4.79
CA ALA B 197 23.48 19.58 -4.95
C ALA B 197 24.47 20.68 -4.61
N MET B 198 24.11 21.90 -4.96
CA MET B 198 24.94 23.03 -4.62
C MET B 198 24.88 23.30 -3.13
N VAL B 199 26.03 23.37 -2.48
CA VAL B 199 26.10 23.78 -1.08
C VAL B 199 26.21 25.30 -1.09
N ARG B 200 25.07 25.97 -0.91
CA ARG B 200 25.04 27.42 -0.84
C ARG B 200 25.82 27.99 0.35
N ALA B 201 26.02 27.20 1.42
CA ALA B 201 26.59 27.73 2.65
C ALA B 201 26.79 26.63 3.67
N ALA B 202 27.80 26.78 4.52
CA ALA B 202 27.95 25.98 5.73
C ALA B 202 28.00 26.94 6.91
N LEU B 203 26.94 26.97 7.70
CA LEU B 203 26.86 27.92 8.79
C LEU B 203 27.77 27.46 9.92
N PRO B 204 28.73 28.28 10.35
CA PRO B 204 29.64 27.87 11.42
C PRO B 204 28.88 27.46 12.67
N ALA B 205 29.38 26.42 13.32
CA ALA B 205 28.79 25.96 14.56
C ALA B 205 28.84 27.05 15.61
N GLY B 206 27.72 27.24 16.30
CA GLY B 206 27.60 28.26 17.31
C GLY B 206 27.03 29.58 16.83
N ALA B 207 26.76 29.71 15.52
CA ALA B 207 26.28 30.98 14.95
C ALA B 207 24.98 31.46 15.58
N ALA B 208 24.17 30.55 16.15
CA ALA B 208 22.95 30.98 16.82
C ALA B 208 23.22 31.89 18.03
N SER B 209 24.41 31.79 18.63
CA SER B 209 24.78 32.58 19.80
C SER B 209 25.27 33.99 19.47
N LEU B 210 25.62 34.28 18.22
CA LEU B 210 26.16 35.58 17.87
C LEU B 210 25.18 36.69 18.20
N ASP B 211 25.72 37.89 18.45
CA ASP B 211 24.88 39.07 18.50
C ASP B 211 24.56 39.50 17.08
N ALA B 212 23.66 40.47 16.94
CA ALA B 212 23.11 40.78 15.62
C ALA B 212 24.21 41.22 14.64
N GLY B 213 25.13 42.06 15.09
CA GLY B 213 26.14 42.55 14.18
C GLY B 213 27.07 41.45 13.72
N ASP B 214 27.56 40.64 14.67
CA ASP B 214 28.38 39.49 14.31
C ASP B 214 27.62 38.57 13.34
N PHE B 215 26.38 38.20 13.71
CA PHE B 215 25.59 37.31 12.87
C PHE B 215 25.41 37.86 11.47
N ALA B 216 25.30 39.18 11.30
CA ALA B 216 25.21 39.74 9.96
C ALA B 216 26.53 39.61 9.21
N ALA B 217 27.65 39.70 9.93
CA ALA B 217 28.97 39.54 9.31
C ALA B 217 29.17 38.10 8.89
N MET B 218 28.88 37.17 9.80
CA MET B 218 28.84 35.75 9.48
C MET B 218 27.96 35.49 8.25
N SER B 219 26.69 35.90 8.33
CA SER B 219 25.73 35.63 7.27
C SER B 219 26.24 36.13 5.92
N ALA B 220 26.73 37.36 5.86
CA ALA B 220 27.16 37.90 4.57
C ALA B 220 28.36 37.14 4.03
N ALA B 221 29.18 36.56 4.90
CA ALA B 221 30.34 35.80 4.45
C ALA B 221 30.01 34.36 4.12
N ALA B 222 28.86 33.84 4.58
CA ALA B 222 28.55 32.42 4.42
C ALA B 222 27.96 32.08 3.06
N PHE B 223 27.35 33.03 2.36
CA PHE B 223 26.74 32.78 1.07
C PHE B 223 27.46 33.54 -0.02
N ASP B 224 27.45 32.96 -1.23
CA ASP B 224 27.98 33.64 -2.39
C ASP B 224 27.17 34.89 -2.71
N ARG B 225 27.86 36.02 -2.88
CA ARG B 225 27.19 37.30 -3.09
C ARG B 225 26.28 37.25 -4.31
N ASN B 226 26.81 36.75 -5.44
CA ASN B 226 26.06 36.76 -6.68
C ASN B 226 24.84 35.88 -6.62
N TRP B 227 24.95 34.72 -5.95
CA TRP B 227 23.79 33.84 -5.85
C TRP B 227 22.68 34.52 -5.07
N VAL B 228 23.02 35.16 -3.95
CA VAL B 228 22.02 35.83 -3.13
C VAL B 228 21.28 36.89 -3.94
N ALA B 229 22.03 37.84 -4.51
CA ALA B 229 21.40 38.95 -5.24
C ALA B 229 20.64 38.45 -6.46
N GLY B 230 21.06 37.32 -7.02
CA GLY B 230 20.34 36.72 -8.12
C GLY B 230 19.03 36.07 -7.76
N LEU B 231 18.69 35.97 -6.48
CA LEU B 231 17.42 35.36 -6.11
C LEU B 231 16.24 36.25 -6.45
N VAL B 232 16.43 37.56 -6.45
CA VAL B 232 15.43 38.48 -6.94
C VAL B 232 16.04 39.32 -8.07
N GLY C 7 -12.34 2.95 22.45
CA GLY C 7 -13.35 3.52 21.58
C GLY C 7 -14.65 2.73 21.55
N GLY C 8 -15.41 2.87 20.47
CA GLY C 8 -16.62 2.10 20.25
C GLY C 8 -16.50 0.98 19.24
N THR C 9 -17.46 0.84 18.34
CA THR C 9 -17.49 -0.26 17.38
C THR C 9 -17.33 0.29 15.98
N ILE C 10 -16.28 -0.13 15.28
CA ILE C 10 -16.05 0.24 13.89
C ILE C 10 -16.40 -0.94 13.01
N LEU C 11 -17.20 -0.69 11.99
CA LEU C 11 -17.58 -1.69 11.01
C LEU C 11 -17.24 -1.19 9.61
N VAL C 12 -16.35 -1.88 8.91
CA VAL C 12 -16.20 -1.59 7.49
C VAL C 12 -17.31 -2.32 6.76
N VAL C 13 -17.97 -1.61 5.84
CA VAL C 13 -18.99 -2.20 5.00
C VAL C 13 -18.41 -2.30 3.59
N THR C 14 -18.27 -3.52 3.11
CA THR C 14 -17.64 -3.83 1.85
C THR C 14 -18.63 -4.62 1.01
N GLY C 15 -18.35 -4.74 -0.28
CA GLY C 15 -19.25 -5.49 -1.13
C GLY C 15 -18.46 -6.55 -1.84
N THR C 16 -19.12 -7.60 -2.34
CA THR C 16 -18.40 -8.58 -3.14
C THR C 16 -18.05 -8.05 -4.52
N GLY C 17 -18.61 -6.92 -4.92
CA GLY C 17 -18.23 -6.26 -6.15
C GLY C 17 -18.87 -4.90 -6.20
N THR C 18 -18.96 -4.33 -7.39
CA THR C 18 -19.60 -3.03 -7.47
C THR C 18 -21.10 -3.18 -7.73
N GLY C 19 -21.84 -2.17 -7.30
CA GLY C 19 -23.28 -2.12 -7.49
C GLY C 19 -24.01 -3.27 -6.86
N VAL C 20 -23.71 -3.58 -5.60
CA VAL C 20 -24.38 -4.67 -4.89
C VAL C 20 -25.32 -4.17 -3.82
N GLY C 21 -25.49 -2.85 -3.69
CA GLY C 21 -26.30 -2.29 -2.64
C GLY C 21 -25.58 -1.89 -1.37
N LYS C 22 -24.27 -1.63 -1.44
CA LYS C 22 -23.49 -1.26 -0.25
C LYS C 22 -24.09 -0.04 0.45
N THR C 23 -24.29 1.05 -0.32
CA THR C 23 -24.82 2.28 0.24
C THR C 23 -26.14 2.05 0.95
N VAL C 24 -27.09 1.38 0.29
CA VAL C 24 -28.40 1.16 0.88
C VAL C 24 -28.29 0.27 2.11
N VAL C 25 -27.31 -0.64 2.14
CA VAL C 25 -27.14 -1.47 3.32
C VAL C 25 -26.58 -0.65 4.48
N CYS C 26 -25.61 0.24 4.22
CA CYS C 26 -25.11 1.11 5.28
C CYS C 26 -26.22 1.97 5.84
N ALA C 27 -27.07 2.52 4.96
CA ALA C 27 -28.22 3.30 5.40
C ALA C 27 -29.16 2.44 6.23
N ALA C 28 -29.41 1.21 5.76
CA ALA C 28 -30.32 0.33 6.49
C ALA C 28 -29.78 0.00 7.87
N LEU C 29 -28.49 -0.33 7.97
CA LEU C 29 -27.93 -0.71 9.27
C LEU C 29 -27.81 0.49 10.21
N ALA C 30 -27.54 1.68 9.65
CA ALA C 30 -27.51 2.89 10.47
C ALA C 30 -28.88 3.18 11.06
N SER C 31 -29.93 3.04 10.24
CA SER C 31 -31.30 3.24 10.72
C SER C 31 -31.65 2.27 11.85
N ALA C 32 -31.48 0.96 11.60
CA ALA C 32 -31.78 -0.04 12.63
C ALA C 32 -31.05 0.25 13.91
N ALA C 33 -29.83 0.79 13.81
CA ALA C 33 -29.02 1.04 15.00
C ALA C 33 -29.46 2.29 15.74
N ARG C 34 -29.95 3.30 15.04
CA ARG C 34 -30.49 4.48 15.71
C ARG C 34 -31.72 4.11 16.54
N GLN C 35 -32.64 3.36 15.94
CA GLN C 35 -33.83 2.89 16.64
C GLN C 35 -33.50 1.98 17.81
N ALA C 36 -32.28 1.44 17.86
CA ALA C 36 -31.87 0.56 18.95
C ALA C 36 -31.29 1.32 20.13
N GLY C 37 -31.26 2.65 20.07
CA GLY C 37 -30.60 3.43 21.10
C GLY C 37 -29.10 3.34 20.94
N ILE C 38 -28.62 3.63 19.74
CA ILE C 38 -27.21 3.47 19.41
C ILE C 38 -26.81 4.61 18.48
N ASP C 39 -25.74 5.31 18.85
CA ASP C 39 -25.28 6.50 18.14
C ASP C 39 -24.39 6.11 16.96
N VAL C 40 -24.73 6.61 15.77
CA VAL C 40 -24.23 6.07 14.52
C VAL C 40 -23.59 7.16 13.67
N ALA C 41 -22.35 6.91 13.25
CA ALA C 41 -21.69 7.71 12.23
C ALA C 41 -21.37 6.83 11.02
N VAL C 42 -21.46 7.42 9.83
CA VAL C 42 -21.16 6.73 8.58
C VAL C 42 -20.03 7.46 7.87
N CYS C 43 -19.01 6.70 7.48
CA CYS C 43 -17.80 7.26 6.89
C CYS C 43 -17.65 6.73 5.47
N LYS C 44 -17.27 7.61 4.55
CA LYS C 44 -17.04 7.24 3.15
C LYS C 44 -15.70 7.85 2.75
N PRO C 45 -14.60 7.12 2.97
CA PRO C 45 -13.28 7.72 2.73
C PRO C 45 -13.07 8.15 1.29
N VAL C 46 -13.52 7.35 0.32
CA VAL C 46 -13.28 7.59 -1.08
C VAL C 46 -14.60 7.44 -1.82
N GLN C 47 -15.06 8.53 -2.43
CA GLN C 47 -16.29 8.58 -3.22
C GLN C 47 -15.95 8.88 -4.68
N THR C 48 -16.35 7.99 -5.57
CA THR C 48 -16.22 8.25 -7.00
C THR C 48 -17.59 8.58 -7.58
N GLY C 49 -17.59 8.92 -8.87
CA GLY C 49 -18.83 8.99 -9.64
C GLY C 49 -19.73 10.16 -9.36
N THR C 50 -19.22 11.27 -8.82
CA THR C 50 -20.10 12.40 -8.50
C THR C 50 -20.65 13.05 -9.77
N ALA C 51 -19.93 12.93 -10.89
CA ALA C 51 -20.46 13.41 -12.16
C ALA C 51 -21.71 12.65 -12.55
N ARG C 52 -21.96 11.48 -11.96
CA ARG C 52 -23.14 10.68 -12.23
C ARG C 52 -24.23 10.90 -11.20
N GLY C 53 -23.99 11.76 -10.21
CA GLY C 53 -24.92 11.96 -9.13
C GLY C 53 -24.57 11.23 -7.86
N ASP C 54 -23.49 10.47 -7.85
CA ASP C 54 -23.11 9.64 -6.71
C ASP C 54 -22.75 10.49 -5.51
N ASP C 55 -23.51 10.35 -4.42
CA ASP C 55 -23.14 10.89 -3.11
C ASP C 55 -23.68 9.92 -2.07
N ASP C 56 -22.90 8.88 -1.81
CA ASP C 56 -23.36 7.82 -0.93
C ASP C 56 -23.60 8.33 0.48
N LEU C 57 -22.78 9.27 0.94
CA LEU C 57 -23.01 9.88 2.24
C LEU C 57 -24.31 10.68 2.25
N ALA C 58 -24.53 11.48 1.20
CA ALA C 58 -25.80 12.18 1.06
C ALA C 58 -26.96 11.21 1.02
N GLU C 59 -26.79 10.06 0.37
CA GLU C 59 -27.86 9.09 0.27
C GLU C 59 -28.13 8.42 1.61
N VAL C 60 -27.09 8.20 2.43
CA VAL C 60 -27.27 7.52 3.70
C VAL C 60 -27.96 8.45 4.70
N GLY C 61 -27.48 9.69 4.82
CA GLY C 61 -28.15 10.65 5.67
C GLY C 61 -29.58 10.94 5.22
N ARG C 62 -29.90 10.66 3.94
CA ARG C 62 -31.22 10.89 3.39
C ARG C 62 -32.17 9.76 3.73
N LEU C 63 -31.71 8.52 3.61
CA LEU C 63 -32.57 7.36 3.86
C LEU C 63 -32.71 7.05 5.34
N ALA C 64 -31.66 7.32 6.11
CA ALA C 64 -31.58 6.92 7.51
C ALA C 64 -31.58 8.08 8.48
N GLY C 65 -31.33 9.31 8.01
CA GLY C 65 -31.31 10.45 8.91
C GLY C 65 -30.02 10.62 9.68
N VAL C 66 -28.93 10.02 9.21
CA VAL C 66 -27.63 10.23 9.85
C VAL C 66 -27.12 11.61 9.49
N THR C 67 -26.77 12.39 10.51
CA THR C 67 -26.12 13.68 10.29
C THR C 67 -24.62 13.62 10.49
N GLN C 68 -24.15 12.66 11.29
CA GLN C 68 -22.73 12.44 11.51
C GLN C 68 -22.17 11.65 10.32
N LEU C 69 -21.98 12.37 9.21
CA LEU C 69 -21.46 11.83 7.96
C LEU C 69 -20.11 12.47 7.69
N ALA C 70 -19.11 11.66 7.38
CA ALA C 70 -17.76 12.16 7.23
C ALA C 70 -17.12 11.52 6.01
N GLY C 71 -16.76 12.34 5.04
CA GLY C 71 -16.03 11.92 3.87
C GLY C 71 -14.63 12.53 3.85
N LEU C 72 -13.90 12.21 2.79
CA LEU C 72 -12.56 12.76 2.61
C LEU C 72 -12.33 13.04 1.13
N ALA C 73 -12.08 11.99 0.34
CA ALA C 73 -11.78 12.17 -1.06
C ALA C 73 -13.06 12.02 -1.89
N ARG C 74 -13.14 12.78 -2.98
CA ARG C 74 -14.28 12.74 -3.90
C ARG C 74 -13.79 12.98 -5.33
N TYR C 75 -14.22 12.11 -6.25
CA TYR C 75 -13.85 12.22 -7.65
C TYR C 75 -15.09 12.16 -8.52
N PRO C 76 -15.08 12.87 -9.67
CA PRO C 76 -16.29 12.92 -10.52
C PRO C 76 -16.54 11.64 -11.33
N GLN C 77 -15.50 11.02 -11.87
CA GLN C 77 -15.84 9.92 -12.77
C GLN C 77 -16.17 8.63 -12.00
N PRO C 78 -17.21 7.88 -12.45
CA PRO C 78 -17.55 6.57 -11.88
C PRO C 78 -16.59 5.48 -12.36
N MET C 79 -15.37 5.55 -11.83
CA MET C 79 -14.33 4.57 -12.05
C MET C 79 -13.83 4.09 -10.69
N ALA C 80 -12.94 3.11 -10.72
CA ALA C 80 -12.20 2.77 -9.52
C ALA C 80 -11.43 4.00 -9.03
N PRO C 81 -11.29 4.18 -7.71
CA PRO C 81 -10.70 5.43 -7.19
C PRO C 81 -9.43 5.89 -7.90
N ALA C 82 -8.46 5.01 -8.06
CA ALA C 82 -7.18 5.38 -8.67
C ALA C 82 -7.37 5.92 -10.08
N ALA C 83 -8.32 5.37 -10.83
CA ALA C 83 -8.56 5.84 -12.20
C ALA C 83 -9.37 7.13 -12.21
N ALA C 84 -10.34 7.24 -11.29
CA ALA C 84 -11.12 8.47 -11.18
C ALA C 84 -10.24 9.63 -10.73
N ALA C 85 -9.29 9.36 -9.83
CA ALA C 85 -8.35 10.42 -9.43
C ALA C 85 -7.48 10.82 -10.61
N GLU C 86 -6.99 9.85 -11.37
CA GLU C 86 -6.13 10.14 -12.52
C GLU C 86 -6.88 10.93 -13.59
N HIS C 87 -8.14 10.56 -13.85
CA HIS C 87 -8.98 11.30 -14.77
C HIS C 87 -9.11 12.77 -14.37
N ALA C 88 -9.26 13.03 -13.07
CA ALA C 88 -9.44 14.36 -12.54
C ALA C 88 -8.12 15.06 -12.22
N GLY C 89 -6.99 14.44 -12.51
CA GLY C 89 -5.71 15.04 -12.19
C GLY C 89 -5.43 15.16 -10.71
N MET C 90 -6.19 14.46 -9.86
CA MET C 90 -6.01 14.49 -8.42
C MET C 90 -5.22 13.27 -7.95
N ALA C 91 -4.94 13.24 -6.66
CA ALA C 91 -4.25 12.13 -6.02
C ALA C 91 -5.23 11.35 -5.14
N LEU C 92 -4.92 10.07 -4.92
CA LEU C 92 -5.65 9.32 -3.92
C LEU C 92 -5.34 9.90 -2.54
N PRO C 93 -6.26 9.76 -1.58
CA PRO C 93 -5.99 10.25 -0.23
C PRO C 93 -4.82 9.50 0.40
N ALA C 94 -4.23 10.12 1.40
CA ALA C 94 -3.16 9.48 2.14
C ALA C 94 -3.74 8.40 3.05
N ARG C 95 -2.98 7.31 3.22
CA ARG C 95 -3.44 6.23 4.07
C ARG C 95 -3.71 6.74 5.48
N ASP C 96 -2.76 7.49 6.05
CA ASP C 96 -2.94 7.96 7.41
C ASP C 96 -4.07 8.98 7.52
N GLN C 97 -4.53 9.53 6.39
CA GLN C 97 -5.69 10.41 6.42
C GLN C 97 -6.99 9.61 6.47
N ILE C 98 -7.05 8.48 5.76
CA ILE C 98 -8.22 7.60 5.86
C ILE C 98 -8.37 7.10 7.31
N VAL C 99 -7.27 6.64 7.89
CA VAL C 99 -7.33 6.05 9.22
C VAL C 99 -7.67 7.11 10.27
N ARG C 100 -7.13 8.33 10.11
CA ARG C 100 -7.41 9.42 11.04
C ARG C 100 -8.87 9.81 11.00
N LEU C 101 -9.43 9.91 9.79
CA LEU C 101 -10.84 10.24 9.62
C LEU C 101 -11.72 9.22 10.31
N ILE C 102 -11.29 7.96 10.33
CA ILE C 102 -12.06 6.92 10.96
C ILE C 102 -11.91 6.98 12.47
N ALA C 103 -10.67 7.14 12.94
CA ALA C 103 -10.41 7.20 14.38
C ALA C 103 -11.06 8.43 15.02
N ASP C 104 -10.98 9.58 14.35
CA ASP C 104 -11.65 10.77 14.83
C ASP C 104 -13.16 10.59 14.94
N LEU C 105 -13.76 9.72 14.14
CA LEU C 105 -15.19 9.45 14.28
C LEU C 105 -15.50 8.53 15.45
N ASP C 106 -14.54 7.73 15.89
CA ASP C 106 -14.78 6.66 16.85
C ASP C 106 -14.97 7.23 18.26
N ARG C 107 -16.11 6.92 18.87
CA ARG C 107 -16.43 7.20 20.26
C ARG C 107 -16.75 5.87 20.93
N PRO C 108 -16.66 5.78 22.26
CA PRO C 108 -17.36 4.71 22.96
C PRO C 108 -18.86 4.96 22.88
N GLY C 109 -19.60 3.88 22.67
CA GLY C 109 -21.04 3.96 22.49
C GLY C 109 -21.48 4.26 21.08
N ARG C 110 -20.55 4.29 20.12
CA ARG C 110 -20.84 4.72 18.77
C ARG C 110 -20.57 3.59 17.79
N LEU C 111 -21.51 3.39 16.87
CA LEU C 111 -21.34 2.47 15.75
C LEU C 111 -20.90 3.29 14.55
N THR C 112 -19.64 3.15 14.16
CA THR C 112 -19.10 3.89 13.02
C THR C 112 -19.01 2.95 11.83
N LEU C 113 -19.77 3.25 10.79
CA LEU C 113 -19.82 2.45 9.57
C LEU C 113 -18.87 3.07 8.58
N VAL C 114 -18.01 2.25 8.00
CA VAL C 114 -17.01 2.72 7.04
C VAL C 114 -17.34 2.05 5.71
N GLU C 115 -18.06 2.76 4.84
CA GLU C 115 -18.38 2.25 3.53
C GLU C 115 -17.17 2.30 2.61
N GLY C 116 -16.94 1.21 1.88
CA GLY C 116 -15.86 1.14 0.92
C GLY C 116 -16.24 1.71 -0.44
N ALA C 117 -15.32 1.56 -1.37
CA ALA C 117 -15.45 2.00 -2.76
C ALA C 117 -15.34 0.75 -3.63
N GLY C 118 -16.47 0.16 -3.99
CA GLY C 118 -16.40 -1.09 -4.73
C GLY C 118 -16.14 -2.22 -3.76
N GLY C 119 -15.32 -3.18 -4.18
CA GLY C 119 -15.05 -4.33 -3.35
C GLY C 119 -13.86 -4.17 -2.45
N LEU C 120 -13.57 -5.26 -1.73
CA LEU C 120 -12.66 -5.20 -0.58
C LEU C 120 -11.24 -4.77 -0.96
N LEU C 121 -10.70 -5.27 -2.07
CA LEU C 121 -9.29 -5.00 -2.38
C LEU C 121 -9.12 -3.86 -3.38
N VAL C 122 -10.12 -2.99 -3.49
CA VAL C 122 -9.97 -1.78 -4.28
C VAL C 122 -8.94 -0.87 -3.63
N GLU C 123 -7.97 -0.40 -4.41
CA GLU C 123 -7.00 0.58 -3.92
C GLU C 123 -7.69 1.86 -3.45
N LEU C 124 -7.39 2.25 -2.22
CA LEU C 124 -7.91 3.50 -1.69
C LEU C 124 -6.82 4.54 -1.52
N ALA C 125 -5.61 4.09 -1.17
CA ALA C 125 -4.44 4.94 -1.02
C ALA C 125 -3.25 4.24 -1.64
N GLU C 126 -2.31 5.03 -2.14
CA GLU C 126 -1.11 4.36 -2.61
C GLU C 126 -0.23 3.97 -1.42
N PRO C 127 0.52 2.87 -1.53
CA PRO C 127 0.49 1.97 -2.68
C PRO C 127 -0.37 0.72 -2.42
N GLY C 128 -1.53 0.64 -3.08
CA GLY C 128 -2.37 -0.55 -2.98
C GLY C 128 -2.97 -0.79 -1.62
N VAL C 129 -3.17 0.27 -0.83
CA VAL C 129 -3.85 0.21 0.45
C VAL C 129 -5.35 -0.01 0.22
N THR C 130 -5.91 -1.02 0.88
CA THR C 130 -7.29 -1.43 0.68
C THR C 130 -8.13 -1.13 1.92
N LEU C 131 -9.45 -1.27 1.75
CA LEU C 131 -10.34 -1.26 2.90
C LEU C 131 -9.95 -2.33 3.89
N ARG C 132 -9.37 -3.44 3.42
CA ARG C 132 -8.97 -4.50 4.35
C ARG C 132 -7.78 -4.08 5.19
N ASP C 133 -6.78 -3.42 4.58
CA ASP C 133 -5.68 -2.83 5.34
C ASP C 133 -6.20 -1.87 6.42
N VAL C 134 -7.11 -0.98 6.03
CA VAL C 134 -7.69 0.00 6.94
C VAL C 134 -8.45 -0.68 8.09
N ALA C 135 -9.12 -1.79 7.80
CA ALA C 135 -9.85 -2.49 8.85
C ALA C 135 -8.91 -3.09 9.88
N VAL C 136 -7.78 -3.66 9.44
CA VAL C 136 -6.77 -4.14 10.39
C VAL C 136 -6.30 -2.98 11.28
N ASP C 137 -5.98 -1.83 10.66
CA ASP C 137 -5.46 -0.67 11.39
C ASP C 137 -6.40 -0.22 12.51
N VAL C 138 -7.69 -0.10 12.20
CA VAL C 138 -8.67 0.40 13.18
C VAL C 138 -9.34 -0.74 13.93
N ALA C 139 -8.87 -1.97 13.71
CA ALA C 139 -9.43 -3.17 14.34
C ALA C 139 -10.95 -3.26 14.11
N ALA C 140 -11.36 -3.02 12.88
CA ALA C 140 -12.76 -3.13 12.52
C ALA C 140 -13.06 -4.53 11.99
N ALA C 141 -14.30 -4.95 12.17
CA ALA C 141 -14.81 -6.11 11.47
C ALA C 141 -15.41 -5.68 10.14
N ALA C 142 -15.69 -6.65 9.28
CA ALA C 142 -16.26 -6.37 7.97
C ALA C 142 -17.64 -6.98 7.84
N LEU C 143 -18.61 -6.14 7.54
CA LEU C 143 -19.90 -6.56 7.00
C LEU C 143 -19.81 -6.57 5.48
N VAL C 144 -20.21 -7.70 4.88
CA VAL C 144 -20.02 -7.97 3.46
C VAL C 144 -21.38 -8.01 2.78
N VAL C 145 -21.59 -7.11 1.83
CA VAL C 145 -22.84 -6.99 1.09
C VAL C 145 -22.75 -7.90 -0.13
N VAL C 146 -23.76 -8.75 -0.32
CA VAL C 146 -23.78 -9.72 -1.41
C VAL C 146 -25.06 -9.57 -2.22
N THR C 147 -25.04 -10.14 -3.42
CA THR C 147 -26.24 -10.35 -4.24
C THR C 147 -26.73 -11.78 -4.08
N ALA C 148 -27.94 -12.02 -4.59
CA ALA C 148 -28.47 -13.37 -4.62
C ALA C 148 -28.42 -13.97 -6.02
N ASP C 149 -27.67 -13.34 -6.93
CA ASP C 149 -27.57 -13.76 -8.32
C ASP C 149 -26.46 -14.78 -8.53
N LEU C 150 -26.49 -15.36 -9.73
CA LEU C 150 -25.43 -16.26 -10.18
C LEU C 150 -24.06 -15.63 -9.96
N GLY C 151 -23.12 -16.45 -9.49
CA GLY C 151 -21.77 -15.99 -9.20
C GLY C 151 -21.53 -15.48 -7.79
N THR C 152 -22.57 -15.29 -6.98
CA THR C 152 -22.38 -14.69 -5.66
C THR C 152 -21.65 -15.62 -4.70
N LEU C 153 -21.83 -16.93 -4.79
CA LEU C 153 -21.14 -17.81 -3.86
C LEU C 153 -19.64 -17.71 -4.04
N ASN C 154 -19.16 -17.70 -5.29
CA ASN C 154 -17.74 -17.54 -5.53
C ASN C 154 -17.27 -16.19 -5.03
N HIS C 155 -17.95 -15.12 -5.45
CA HIS C 155 -17.51 -13.79 -5.05
C HIS C 155 -17.54 -13.64 -3.55
N THR C 156 -18.59 -14.13 -2.90
CA THR C 156 -18.64 -14.08 -1.44
C THR C 156 -17.45 -14.81 -0.84
N LYS C 157 -17.27 -16.08 -1.22
CA LYS C 157 -16.20 -16.89 -0.66
C LYS C 157 -14.85 -16.24 -0.89
N LEU C 158 -14.63 -15.66 -2.06
CA LEU C 158 -13.38 -14.98 -2.34
C LEU C 158 -13.16 -13.85 -1.35
N THR C 159 -14.18 -13.03 -1.11
CA THR C 159 -14.05 -11.93 -0.15
C THR C 159 -13.82 -12.46 1.26
N LEU C 160 -14.58 -13.49 1.67
CA LEU C 160 -14.48 -14.00 3.04
C LEU C 160 -13.11 -14.61 3.30
N GLU C 161 -12.52 -15.27 2.31
CA GLU C 161 -11.15 -15.75 2.46
C GLU C 161 -10.20 -14.59 2.67
N ALA C 162 -10.34 -13.56 1.84
CA ALA C 162 -9.48 -12.38 1.95
C ALA C 162 -9.63 -11.71 3.30
N LEU C 163 -10.86 -11.64 3.83
CA LEU C 163 -10.99 -11.14 5.20
C LEU C 163 -10.19 -12.00 6.17
N ALA C 164 -10.42 -13.32 6.11
CA ALA C 164 -9.84 -14.22 7.10
C ALA C 164 -8.33 -14.29 6.99
N ALA C 165 -7.77 -14.11 5.79
CA ALA C 165 -6.33 -14.16 5.63
C ALA C 165 -5.60 -13.07 6.42
N GLN C 166 -6.27 -11.95 6.72
CA GLN C 166 -5.68 -10.90 7.56
C GLN C 166 -6.37 -10.79 8.91
N GLN C 167 -7.01 -11.86 9.39
CA GLN C 167 -7.64 -11.90 10.71
C GLN C 167 -8.66 -10.78 10.89
N VAL C 168 -9.32 -10.39 9.80
CA VAL C 168 -10.44 -9.45 9.86
C VAL C 168 -11.73 -10.25 10.01
N SER C 169 -12.43 -10.05 11.12
CA SER C 169 -13.65 -10.80 11.37
C SER C 169 -14.74 -10.38 10.40
N CYS C 170 -15.57 -11.34 10.04
CA CYS C 170 -16.73 -11.09 9.22
C CYS C 170 -17.96 -10.92 10.11
N ALA C 171 -18.47 -9.69 10.19
CA ALA C 171 -19.66 -9.40 10.97
C ALA C 171 -20.91 -10.07 10.41
N GLY C 172 -20.84 -10.66 9.23
CA GLY C 172 -21.98 -11.24 8.57
C GLY C 172 -22.13 -10.73 7.16
N LEU C 173 -23.09 -11.33 6.45
CA LEU C 173 -23.49 -10.91 5.11
C LEU C 173 -24.81 -10.16 5.17
N VAL C 174 -25.02 -9.31 4.17
CA VAL C 174 -26.33 -8.72 3.93
C VAL C 174 -26.60 -8.84 2.44
N ILE C 175 -27.70 -9.49 2.09
CA ILE C 175 -28.13 -9.50 0.69
C ILE C 175 -28.66 -8.12 0.37
N GLY C 176 -28.09 -7.46 -0.64
CA GLY C 176 -28.38 -6.06 -0.87
C GLY C 176 -29.72 -5.82 -1.52
N SER C 177 -30.23 -6.81 -2.25
CA SER C 177 -31.53 -6.71 -2.91
C SER C 177 -32.09 -8.13 -2.95
N TRP C 178 -33.13 -8.38 -2.16
CA TRP C 178 -33.77 -9.68 -2.08
C TRP C 178 -35.07 -9.66 -2.87
N PRO C 179 -35.18 -10.38 -3.99
CA PRO C 179 -36.36 -10.23 -4.85
C PRO C 179 -37.59 -10.90 -4.25
N ASP C 180 -38.75 -10.47 -4.74
CA ASP C 180 -40.03 -11.03 -4.33
C ASP C 180 -40.95 -11.15 -5.54
N PRO C 181 -41.30 -12.36 -5.96
CA PRO C 181 -40.91 -13.65 -5.34
C PRO C 181 -39.48 -14.09 -5.67
N PRO C 182 -38.85 -14.81 -4.75
CA PRO C 182 -37.47 -15.30 -4.99
C PRO C 182 -37.48 -16.46 -5.98
N GLY C 183 -36.73 -16.31 -7.07
CA GLY C 183 -36.57 -17.37 -8.04
C GLY C 183 -35.68 -18.51 -7.53
N LEU C 184 -35.58 -19.56 -8.35
CA LEU C 184 -34.76 -20.70 -7.98
C LEU C 184 -33.31 -20.30 -7.72
N VAL C 185 -32.71 -19.53 -8.63
CA VAL C 185 -31.34 -19.09 -8.45
C VAL C 185 -31.19 -18.26 -7.17
N ALA C 186 -32.06 -17.24 -7.01
CA ALA C 186 -32.01 -16.43 -5.80
C ALA C 186 -32.31 -17.26 -4.56
N ALA C 187 -33.27 -18.19 -4.65
CA ALA C 187 -33.62 -18.98 -3.47
C ALA C 187 -32.48 -19.91 -3.08
N SER C 188 -31.87 -20.57 -4.07
CA SER C 188 -30.76 -21.48 -3.79
C SER C 188 -29.58 -20.73 -3.20
N ASN C 189 -29.33 -19.52 -3.69
CA ASN C 189 -28.13 -18.79 -3.27
C ASN C 189 -28.25 -18.33 -1.82
N ARG C 190 -29.46 -17.93 -1.38
CA ARG C 190 -29.61 -17.48 0.00
C ARG C 190 -29.36 -18.61 1.00
N SER C 191 -29.89 -19.80 0.74
CA SER C 191 -29.59 -20.95 1.57
C SER C 191 -28.11 -21.28 1.54
N ALA C 192 -27.52 -21.24 0.33
CA ALA C 192 -26.09 -21.49 0.19
C ALA C 192 -25.28 -20.44 0.94
N LEU C 193 -25.66 -19.16 0.81
CA LEU C 193 -24.94 -18.09 1.53
C LEU C 193 -25.05 -18.26 3.04
N ALA C 194 -26.20 -18.71 3.53
CA ALA C 194 -26.37 -18.82 4.97
C ALA C 194 -25.60 -20.00 5.54
N ARG C 195 -25.24 -20.97 4.70
CA ARG C 195 -24.30 -22.00 5.13
C ARG C 195 -22.87 -21.47 5.19
N ILE C 196 -22.59 -20.32 4.58
CA ILE C 196 -21.23 -19.77 4.54
C ILE C 196 -20.98 -18.80 5.69
N ALA C 197 -22.01 -18.08 6.11
CA ALA C 197 -21.86 -17.04 7.13
C ALA C 197 -23.25 -16.60 7.56
N MET C 198 -23.29 -15.82 8.63
CA MET C 198 -24.55 -15.28 9.12
C MET C 198 -25.09 -14.26 8.12
N VAL C 199 -26.27 -14.53 7.56
CA VAL C 199 -26.97 -13.55 6.74
C VAL C 199 -27.70 -12.61 7.70
N ARG C 200 -27.15 -11.41 7.91
CA ARG C 200 -27.75 -10.53 8.91
C ARG C 200 -29.07 -9.96 8.45
N ALA C 201 -29.29 -9.86 7.14
CA ALA C 201 -30.50 -9.27 6.60
C ALA C 201 -30.52 -9.48 5.10
N ALA C 202 -31.72 -9.49 4.53
CA ALA C 202 -31.93 -9.54 3.08
C ALA C 202 -32.86 -8.39 2.70
N LEU C 203 -32.28 -7.23 2.40
CA LEU C 203 -33.07 -6.04 2.08
C LEU C 203 -34.02 -6.32 0.92
N PRO C 204 -35.28 -5.88 1.01
CA PRO C 204 -36.20 -6.06 -0.11
C PRO C 204 -35.84 -5.12 -1.25
N ALA C 205 -36.14 -5.57 -2.47
CA ALA C 205 -35.79 -4.79 -3.65
C ALA C 205 -36.43 -3.40 -3.60
N GLY C 206 -35.79 -2.46 -4.28
CA GLY C 206 -36.29 -1.10 -4.34
C GLY C 206 -36.37 -0.39 -2.99
N ALA C 207 -35.46 -0.71 -2.07
CA ALA C 207 -35.49 -0.05 -0.77
C ALA C 207 -34.93 1.37 -0.80
N ALA C 208 -34.26 1.77 -1.87
CA ALA C 208 -33.73 3.13 -1.96
C ALA C 208 -34.84 4.14 -2.20
N SER C 209 -36.00 3.71 -2.66
CA SER C 209 -37.14 4.57 -2.97
C SER C 209 -38.19 4.53 -1.87
N LEU C 210 -37.78 4.40 -0.63
CA LEU C 210 -38.69 4.41 0.49
C LEU C 210 -38.56 5.74 1.22
N ASP C 211 -39.69 6.31 1.61
CA ASP C 211 -39.65 7.45 2.51
C ASP C 211 -39.06 7.00 3.84
N ALA C 212 -38.39 7.91 4.52
CA ALA C 212 -37.59 7.56 5.70
C ALA C 212 -38.40 6.81 6.74
N GLY C 213 -39.69 7.09 6.86
CA GLY C 213 -40.53 6.37 7.79
C GLY C 213 -40.72 4.92 7.39
N ASP C 214 -40.89 4.66 6.09
CA ASP C 214 -40.94 3.29 5.60
C ASP C 214 -39.57 2.63 5.65
N PHE C 215 -38.54 3.35 5.18
CA PHE C 215 -37.18 2.82 5.21
C PHE C 215 -36.73 2.49 6.63
N ALA C 216 -37.26 3.19 7.63
CA ALA C 216 -36.91 2.86 9.01
C ALA C 216 -37.60 1.60 9.47
N ALA C 217 -38.88 1.44 9.13
CA ALA C 217 -39.57 0.20 9.49
C ALA C 217 -38.93 -0.99 8.81
N MET C 218 -38.61 -0.84 7.52
CA MET C 218 -37.84 -1.85 6.81
C MET C 218 -36.56 -2.22 7.57
N SER C 219 -35.76 -1.19 7.88
CA SER C 219 -34.46 -1.42 8.51
C SER C 219 -34.59 -2.09 9.88
N ALA C 220 -35.63 -1.77 10.65
CA ALA C 220 -35.82 -2.45 11.93
C ALA C 220 -36.32 -3.88 11.75
N ALA C 221 -37.02 -4.16 10.66
CA ALA C 221 -37.47 -5.52 10.36
C ALA C 221 -36.33 -6.38 9.81
N ALA C 222 -35.45 -5.77 9.00
CA ALA C 222 -34.41 -6.50 8.30
C ALA C 222 -33.44 -7.19 9.26
N PHE C 223 -33.18 -6.61 10.41
CA PHE C 223 -32.10 -7.06 11.27
C PHE C 223 -32.63 -7.66 12.57
N ASP C 224 -31.86 -8.58 13.13
CA ASP C 224 -32.13 -9.08 14.47
C ASP C 224 -31.75 -8.00 15.48
N ARG C 225 -32.74 -7.52 16.24
CA ARG C 225 -32.48 -6.44 17.17
C ARG C 225 -31.41 -6.82 18.18
N ASN C 226 -31.49 -8.05 18.71
CA ASN C 226 -30.43 -8.52 19.61
C ASN C 226 -29.06 -8.34 18.97
N TRP C 227 -28.93 -8.71 17.69
CA TRP C 227 -27.66 -8.56 16.99
C TRP C 227 -27.27 -7.10 16.87
N VAL C 228 -28.20 -6.25 16.45
CA VAL C 228 -27.88 -4.82 16.28
C VAL C 228 -27.57 -4.19 17.64
N ALA C 229 -28.45 -4.38 18.62
CA ALA C 229 -28.23 -3.86 19.97
C ALA C 229 -26.89 -4.28 20.53
N GLY C 230 -26.44 -5.49 20.21
CA GLY C 230 -25.18 -6.01 20.69
C GLY C 230 -23.96 -5.55 19.94
N LEU C 231 -24.15 -4.76 18.88
CA LEU C 231 -23.00 -4.29 18.11
C LEU C 231 -22.12 -3.39 18.95
N VAL C 232 -22.72 -2.50 19.75
CA VAL C 232 -21.97 -1.54 20.53
C VAL C 232 -21.73 -2.06 21.94
N GLY D 7 5.94 -35.48 -17.96
CA GLY D 7 4.71 -35.66 -18.71
C GLY D 7 4.31 -34.45 -19.54
N GLY D 8 3.06 -34.01 -19.41
CA GLY D 8 2.58 -32.85 -20.12
C GLY D 8 2.33 -31.67 -19.19
N THR D 9 1.74 -30.64 -19.77
CA THR D 9 1.30 -29.48 -19.00
C THR D 9 -0.22 -29.53 -18.83
N ILE D 10 -0.67 -29.53 -17.57
CA ILE D 10 -2.07 -29.29 -17.22
C ILE D 10 -2.21 -27.85 -16.75
N LEU D 11 -3.13 -27.11 -17.36
CA LEU D 11 -3.45 -25.74 -16.99
C LEU D 11 -4.94 -25.68 -16.64
N VAL D 12 -5.27 -25.25 -15.41
CA VAL D 12 -6.68 -24.97 -15.13
C VAL D 12 -6.97 -23.57 -15.65
N VAL D 13 -8.13 -23.39 -16.27
CA VAL D 13 -8.55 -22.09 -16.73
C VAL D 13 -9.75 -21.71 -15.86
N THR D 14 -9.54 -20.74 -14.99
CA THR D 14 -10.57 -20.22 -14.13
C THR D 14 -10.91 -18.78 -14.53
N GLY D 15 -11.96 -18.26 -13.91
CA GLY D 15 -12.39 -16.90 -14.14
C GLY D 15 -12.63 -16.20 -12.81
N THR D 16 -12.82 -14.89 -12.90
CA THR D 16 -13.16 -14.10 -11.71
C THR D 16 -14.63 -14.26 -11.34
N GLY D 17 -15.42 -14.85 -12.21
CA GLY D 17 -16.83 -15.02 -11.98
C GLY D 17 -17.39 -15.81 -13.13
N THR D 18 -18.71 -15.89 -13.19
CA THR D 18 -19.31 -16.59 -14.32
C THR D 18 -19.63 -15.58 -15.43
N GLY D 19 -19.67 -16.07 -16.66
CA GLY D 19 -20.00 -15.22 -17.78
C GLY D 19 -18.92 -14.24 -18.21
N VAL D 20 -17.64 -14.60 -18.09
CA VAL D 20 -16.54 -13.71 -18.44
C VAL D 20 -15.79 -14.15 -19.69
N GLY D 21 -16.24 -15.23 -20.35
CA GLY D 21 -15.59 -15.71 -21.56
C GLY D 21 -14.53 -16.77 -21.34
N LYS D 22 -14.66 -17.58 -20.28
CA LYS D 22 -13.70 -18.64 -20.03
C LYS D 22 -13.68 -19.62 -21.20
N THR D 23 -14.87 -20.10 -21.59
CA THR D 23 -14.95 -21.07 -22.69
C THR D 23 -14.23 -20.57 -23.93
N VAL D 24 -14.51 -19.33 -24.34
CA VAL D 24 -13.88 -18.76 -25.53
C VAL D 24 -12.38 -18.69 -25.36
N VAL D 25 -11.92 -18.38 -24.14
CA VAL D 25 -10.49 -18.31 -23.89
C VAL D 25 -9.87 -19.70 -23.96
N CYS D 26 -10.56 -20.73 -23.46
CA CYS D 26 -10.07 -22.09 -23.62
C CYS D 26 -9.99 -22.45 -25.09
N ALA D 27 -11.04 -22.10 -25.83
CA ALA D 27 -11.08 -22.33 -27.26
C ALA D 27 -9.92 -21.62 -27.95
N ALA D 28 -9.71 -20.34 -27.61
CA ALA D 28 -8.66 -19.55 -28.25
C ALA D 28 -7.27 -20.02 -27.86
N LEU D 29 -7.07 -20.33 -26.56
CA LEU D 29 -5.77 -20.84 -26.14
C LEU D 29 -5.51 -22.23 -26.72
N ALA D 30 -6.57 -23.00 -26.95
CA ALA D 30 -6.39 -24.30 -27.59
C ALA D 30 -6.07 -24.12 -29.07
N SER D 31 -6.84 -23.27 -29.76
CA SER D 31 -6.56 -22.96 -31.16
C SER D 31 -5.13 -22.48 -31.33
N ALA D 32 -4.72 -21.50 -30.53
CA ALA D 32 -3.40 -20.93 -30.69
C ALA D 32 -2.29 -21.97 -30.51
N ALA D 33 -2.47 -22.89 -29.56
CA ALA D 33 -1.45 -23.89 -29.26
C ALA D 33 -1.41 -25.01 -30.30
N ARG D 34 -2.58 -25.41 -30.83
CA ARG D 34 -2.58 -26.35 -31.93
C ARG D 34 -1.79 -25.81 -33.11
N GLN D 35 -2.09 -24.57 -33.50
CA GLN D 35 -1.31 -23.90 -34.53
C GLN D 35 0.17 -23.89 -34.20
N ALA D 36 0.52 -23.84 -32.91
CA ALA D 36 1.89 -23.97 -32.47
C ALA D 36 2.37 -25.43 -32.48
N GLY D 37 1.58 -26.34 -33.04
CA GLY D 37 1.99 -27.73 -33.13
C GLY D 37 1.89 -28.49 -31.83
N ILE D 38 1.10 -28.00 -30.88
CA ILE D 38 0.95 -28.60 -29.56
C ILE D 38 -0.35 -29.40 -29.54
N ASP D 39 -0.28 -30.63 -29.07
CA ASP D 39 -1.47 -31.44 -28.86
C ASP D 39 -2.28 -30.86 -27.70
N VAL D 40 -3.57 -30.59 -27.92
CA VAL D 40 -4.40 -29.92 -26.93
C VAL D 40 -5.60 -30.79 -26.60
N ALA D 41 -5.84 -31.01 -25.31
CA ALA D 41 -7.05 -31.62 -24.80
C ALA D 41 -7.73 -30.62 -23.87
N VAL D 42 -9.06 -30.72 -23.74
CA VAL D 42 -9.77 -29.82 -22.85
C VAL D 42 -10.69 -30.65 -21.97
N CYS D 43 -10.63 -30.40 -20.67
CA CYS D 43 -11.45 -31.13 -19.71
C CYS D 43 -12.40 -30.14 -19.06
N LYS D 44 -13.70 -30.38 -19.19
CA LYS D 44 -14.70 -29.62 -18.46
C LYS D 44 -15.49 -30.64 -17.65
N PRO D 45 -15.08 -30.94 -16.41
CA PRO D 45 -15.70 -32.07 -15.69
C PRO D 45 -17.18 -31.85 -15.43
N VAL D 46 -17.58 -30.66 -15.00
CA VAL D 46 -18.96 -30.37 -14.67
C VAL D 46 -19.45 -29.25 -15.58
N GLN D 47 -20.51 -29.53 -16.33
CA GLN D 47 -21.20 -28.61 -17.22
C GLN D 47 -22.61 -28.38 -16.68
N THR D 48 -23.08 -27.12 -16.71
CA THR D 48 -24.46 -26.82 -16.35
C THR D 48 -25.14 -26.08 -17.50
N GLY D 49 -26.41 -25.74 -17.29
CA GLY D 49 -27.19 -25.07 -18.33
C GLY D 49 -27.35 -25.87 -19.61
N THR D 50 -27.42 -27.20 -19.54
CA THR D 50 -27.56 -27.95 -20.78
C THR D 50 -28.99 -27.96 -21.29
N ALA D 51 -29.97 -27.59 -20.46
CA ALA D 51 -31.34 -27.49 -20.92
C ALA D 51 -31.46 -26.56 -22.13
N ARG D 52 -30.62 -25.53 -22.20
CA ARG D 52 -30.59 -24.68 -23.38
C ARG D 52 -29.45 -25.05 -24.33
N GLY D 53 -28.98 -26.29 -24.27
CA GLY D 53 -27.98 -26.77 -25.21
C GLY D 53 -26.56 -26.34 -24.95
N ASP D 54 -26.28 -25.64 -23.83
CA ASP D 54 -24.90 -25.35 -23.44
C ASP D 54 -24.07 -26.63 -23.51
N ASP D 55 -22.98 -26.55 -24.24
CA ASP D 55 -22.01 -27.63 -24.27
C ASP D 55 -20.70 -26.92 -24.59
N ASP D 56 -19.97 -26.55 -23.54
CA ASP D 56 -18.77 -25.75 -23.68
C ASP D 56 -17.64 -26.54 -24.30
N LEU D 57 -17.61 -27.85 -24.09
CA LEU D 57 -16.70 -28.69 -24.86
C LEU D 57 -17.05 -28.66 -26.34
N ALA D 58 -18.33 -28.77 -26.68
CA ALA D 58 -18.73 -28.62 -28.07
C ALA D 58 -18.30 -27.26 -28.62
N GLU D 59 -18.49 -26.19 -27.84
CA GLU D 59 -18.03 -24.87 -28.26
C GLU D 59 -16.53 -24.86 -28.52
N VAL D 60 -15.75 -25.51 -27.66
CA VAL D 60 -14.30 -25.53 -27.84
C VAL D 60 -13.93 -26.37 -29.05
N GLY D 61 -14.55 -27.54 -29.19
CA GLY D 61 -14.31 -28.36 -30.38
C GLY D 61 -14.70 -27.63 -31.65
N ARG D 62 -15.88 -27.00 -31.64
CA ARG D 62 -16.33 -26.21 -32.78
C ARG D 62 -15.36 -25.07 -33.09
N LEU D 63 -15.00 -24.28 -32.08
CA LEU D 63 -14.18 -23.10 -32.30
C LEU D 63 -12.72 -23.45 -32.61
N ALA D 64 -12.13 -24.38 -31.87
CA ALA D 64 -10.71 -24.66 -32.01
C ALA D 64 -10.41 -26.03 -32.60
N GLY D 65 -11.44 -26.81 -32.93
CA GLY D 65 -11.16 -28.13 -33.47
C GLY D 65 -10.60 -29.12 -32.49
N VAL D 66 -10.61 -28.79 -31.19
CA VAL D 66 -10.11 -29.74 -30.21
C VAL D 66 -10.97 -31.01 -30.28
N THR D 67 -10.29 -32.15 -30.22
CA THR D 67 -10.94 -33.44 -30.34
C THR D 67 -10.97 -34.23 -29.03
N GLN D 68 -9.98 -34.05 -28.15
CA GLN D 68 -9.97 -34.69 -26.85
C GLN D 68 -10.72 -33.76 -25.87
N LEU D 69 -12.00 -34.05 -25.69
CA LEU D 69 -12.94 -33.20 -24.96
C LEU D 69 -13.59 -34.08 -23.90
N ALA D 70 -13.12 -33.96 -22.66
CA ALA D 70 -13.48 -34.86 -21.58
C ALA D 70 -14.36 -34.11 -20.59
N GLY D 71 -15.40 -34.79 -20.12
CA GLY D 71 -16.30 -34.26 -19.12
C GLY D 71 -17.03 -35.39 -18.43
N LEU D 72 -17.50 -35.10 -17.21
CA LEU D 72 -18.04 -36.14 -16.33
C LEU D 72 -19.54 -36.05 -16.10
N ALA D 73 -20.10 -34.85 -16.08
CA ALA D 73 -21.47 -34.63 -15.65
C ALA D 73 -22.05 -33.41 -16.38
N ARG D 74 -23.33 -33.50 -16.70
CA ARG D 74 -24.04 -32.41 -17.37
C ARG D 74 -25.35 -32.18 -16.65
N TYR D 75 -25.56 -30.94 -16.19
CA TYR D 75 -26.81 -30.62 -15.55
C TYR D 75 -27.62 -29.65 -16.41
N PRO D 76 -28.92 -29.91 -16.58
CA PRO D 76 -29.71 -29.04 -17.46
C PRO D 76 -29.93 -27.65 -16.88
N GLN D 77 -30.15 -27.53 -15.57
CA GLN D 77 -30.46 -26.23 -14.98
C GLN D 77 -29.28 -25.26 -15.17
N PRO D 78 -29.56 -24.00 -15.52
CA PRO D 78 -28.50 -23.01 -15.70
C PRO D 78 -28.02 -22.41 -14.37
N MET D 79 -27.51 -23.27 -13.50
CA MET D 79 -27.16 -22.84 -12.16
C MET D 79 -25.74 -23.27 -11.84
N ALA D 80 -25.25 -22.86 -10.68
CA ALA D 80 -24.00 -23.37 -10.16
C ALA D 80 -24.06 -24.89 -10.07
N PRO D 81 -22.92 -25.57 -10.21
CA PRO D 81 -22.95 -27.05 -10.17
C PRO D 81 -23.63 -27.63 -8.94
N ALA D 82 -23.35 -27.12 -7.75
CA ALA D 82 -23.95 -27.70 -6.57
C ALA D 82 -25.47 -27.56 -6.61
N ALA D 83 -25.96 -26.41 -7.06
CA ALA D 83 -27.40 -26.17 -7.09
C ALA D 83 -28.05 -26.94 -8.23
N ALA D 84 -27.40 -26.96 -9.40
CA ALA D 84 -27.92 -27.71 -10.53
C ALA D 84 -27.99 -29.20 -10.23
N ALA D 85 -27.13 -29.68 -9.34
CA ALA D 85 -27.22 -31.06 -8.87
C ALA D 85 -28.37 -31.24 -7.89
N GLU D 86 -28.52 -30.32 -6.93
CA GLU D 86 -29.62 -30.47 -5.97
C GLU D 86 -30.97 -30.37 -6.68
N HIS D 87 -31.09 -29.46 -7.65
CA HIS D 87 -32.31 -29.37 -8.43
C HIS D 87 -32.57 -30.66 -9.19
N ALA D 88 -31.52 -31.33 -9.66
CA ALA D 88 -31.68 -32.55 -10.44
C ALA D 88 -31.76 -33.80 -9.57
N GLY D 89 -31.60 -33.67 -8.26
CA GLY D 89 -31.65 -34.82 -7.39
C GLY D 89 -30.54 -35.83 -7.60
N MET D 90 -29.42 -35.41 -8.18
CA MET D 90 -28.29 -36.28 -8.45
C MET D 90 -27.00 -35.60 -8.02
N ALA D 91 -26.19 -36.31 -7.22
CA ALA D 91 -24.96 -35.74 -6.70
C ALA D 91 -24.02 -35.34 -7.83
N LEU D 92 -23.13 -34.39 -7.53
CA LEU D 92 -21.98 -34.06 -8.37
C LEU D 92 -21.01 -35.25 -8.42
N PRO D 93 -20.11 -35.27 -9.42
CA PRO D 93 -19.03 -36.27 -9.43
C PRO D 93 -18.17 -36.15 -8.18
N ALA D 94 -17.50 -37.24 -7.85
CA ALA D 94 -16.57 -37.22 -6.75
C ALA D 94 -15.25 -36.56 -7.16
N ARG D 95 -14.65 -35.86 -6.22
CA ARG D 95 -13.30 -35.33 -6.37
C ARG D 95 -12.35 -36.29 -7.08
N ASP D 96 -12.29 -37.54 -6.64
CA ASP D 96 -11.34 -38.49 -7.23
C ASP D 96 -11.65 -38.75 -8.71
N GLN D 97 -12.93 -38.73 -9.09
CA GLN D 97 -13.26 -38.83 -10.51
C GLN D 97 -12.64 -37.69 -11.30
N ILE D 98 -12.73 -36.46 -10.77
CA ILE D 98 -12.24 -35.30 -11.51
C ILE D 98 -10.73 -35.37 -11.68
N VAL D 99 -10.00 -35.63 -10.59
CA VAL D 99 -8.54 -35.51 -10.69
C VAL D 99 -7.98 -36.66 -11.51
N ARG D 100 -8.55 -37.86 -11.36
CA ARG D 100 -8.05 -39.00 -12.13
C ARG D 100 -8.39 -38.87 -13.61
N LEU D 101 -9.61 -38.40 -13.94
CA LEU D 101 -9.92 -38.10 -15.32
C LEU D 101 -8.87 -37.17 -15.91
N ILE D 102 -8.56 -36.09 -15.19
CA ILE D 102 -7.61 -35.09 -15.68
C ILE D 102 -6.22 -35.69 -15.79
N ALA D 103 -5.80 -36.47 -14.79
CA ALA D 103 -4.45 -37.02 -14.82
C ALA D 103 -4.29 -37.97 -16.01
N ASP D 104 -5.32 -38.77 -16.32
CA ASP D 104 -5.23 -39.68 -17.47
C ASP D 104 -5.24 -38.94 -18.81
N LEU D 105 -5.72 -37.70 -18.85
CA LEU D 105 -5.62 -36.88 -20.06
C LEU D 105 -4.19 -36.43 -20.29
N ASP D 106 -3.47 -36.13 -19.22
CA ASP D 106 -2.12 -35.60 -19.31
C ASP D 106 -1.21 -36.60 -20.02
N ARG D 107 -0.39 -36.10 -20.95
CA ARG D 107 0.62 -36.93 -21.59
C ARG D 107 1.71 -36.02 -22.17
N PRO D 108 2.89 -36.56 -22.44
CA PRO D 108 3.98 -35.76 -23.02
C PRO D 108 3.57 -35.06 -24.31
N GLY D 109 3.99 -33.80 -24.42
CA GLY D 109 3.70 -32.99 -25.59
C GLY D 109 2.35 -32.33 -25.58
N ARG D 110 1.52 -32.58 -24.58
CA ARG D 110 0.13 -32.17 -24.62
C ARG D 110 -0.14 -31.06 -23.61
N LEU D 111 -0.93 -30.07 -24.02
CA LEU D 111 -1.50 -29.08 -23.12
C LEU D 111 -2.94 -29.50 -22.81
N THR D 112 -3.18 -29.92 -21.57
CA THR D 112 -4.52 -30.20 -21.09
C THR D 112 -5.04 -28.94 -20.39
N LEU D 113 -6.13 -28.41 -20.91
CA LEU D 113 -6.83 -27.30 -20.29
C LEU D 113 -8.02 -27.85 -19.49
N VAL D 114 -8.09 -27.46 -18.23
CA VAL D 114 -9.19 -27.83 -17.37
C VAL D 114 -10.06 -26.57 -17.20
N GLU D 115 -11.26 -26.60 -17.74
CA GLU D 115 -12.15 -25.45 -17.60
C GLU D 115 -13.03 -25.67 -16.37
N GLY D 116 -13.04 -24.70 -15.46
CA GLY D 116 -13.91 -24.75 -14.32
C GLY D 116 -15.32 -24.37 -14.69
N ALA D 117 -16.19 -24.42 -13.69
CA ALA D 117 -17.54 -23.87 -13.79
C ALA D 117 -17.55 -22.61 -12.95
N GLY D 118 -17.93 -21.49 -13.57
CA GLY D 118 -17.90 -20.20 -12.91
C GLY D 118 -16.50 -19.87 -12.40
N GLY D 119 -16.47 -19.16 -11.27
CA GLY D 119 -15.23 -18.77 -10.63
C GLY D 119 -14.49 -19.90 -9.92
N LEU D 120 -13.40 -19.49 -9.24
CA LEU D 120 -12.41 -20.43 -8.76
C LEU D 120 -12.92 -21.25 -7.58
N LEU D 121 -13.77 -20.67 -6.75
CA LEU D 121 -14.19 -21.29 -5.51
C LEU D 121 -15.51 -21.98 -5.68
N VAL D 122 -16.00 -22.09 -6.90
CA VAL D 122 -17.24 -22.81 -7.12
C VAL D 122 -17.02 -24.25 -6.71
N GLU D 123 -17.97 -24.80 -5.95
CA GLU D 123 -17.93 -26.22 -5.64
C GLU D 123 -18.07 -27.00 -6.92
N LEU D 124 -17.06 -27.82 -7.24
CA LEU D 124 -17.16 -28.76 -8.35
C LEU D 124 -17.46 -30.17 -7.91
N ALA D 125 -17.15 -30.53 -6.67
CA ALA D 125 -17.36 -31.89 -6.19
C ALA D 125 -17.86 -31.89 -4.75
N GLU D 126 -18.57 -32.96 -4.41
CA GLU D 126 -19.61 -32.90 -3.40
C GLU D 126 -19.17 -32.54 -1.97
N PRO D 127 -17.94 -32.80 -1.51
CA PRO D 127 -17.59 -32.37 -0.12
C PRO D 127 -17.31 -30.88 0.08
N GLY D 128 -17.16 -30.09 -0.99
CA GLY D 128 -16.72 -28.70 -0.91
C GLY D 128 -15.53 -28.44 -1.83
N VAL D 129 -15.36 -29.31 -2.82
CA VAL D 129 -14.14 -29.35 -3.62
C VAL D 129 -14.21 -28.31 -4.74
N THR D 130 -13.16 -27.53 -4.89
CA THR D 130 -13.11 -26.52 -5.92
C THR D 130 -12.01 -26.83 -6.92
N LEU D 131 -12.04 -26.05 -8.01
CA LEU D 131 -11.00 -26.09 -9.03
C LEU D 131 -9.63 -25.84 -8.42
N ARG D 132 -9.56 -25.05 -7.35
CA ARG D 132 -8.28 -24.83 -6.69
C ARG D 132 -7.72 -26.11 -6.09
N ASP D 133 -8.57 -26.90 -5.42
CA ASP D 133 -8.10 -28.19 -4.93
C ASP D 133 -7.65 -29.07 -6.09
N VAL D 134 -8.44 -29.09 -7.16
CA VAL D 134 -8.06 -29.85 -8.34
C VAL D 134 -6.67 -29.45 -8.81
N ALA D 135 -6.40 -28.13 -8.88
CA ALA D 135 -5.12 -27.66 -9.42
C ALA D 135 -3.96 -28.06 -8.53
N VAL D 136 -4.18 -28.16 -7.22
CA VAL D 136 -3.16 -28.66 -6.32
C VAL D 136 -2.92 -30.15 -6.57
N ASP D 137 -3.99 -30.91 -6.73
CA ASP D 137 -3.89 -32.37 -6.79
C ASP D 137 -3.25 -32.86 -8.06
N VAL D 138 -3.27 -32.07 -9.14
CA VAL D 138 -2.62 -32.45 -10.38
C VAL D 138 -1.43 -31.55 -10.67
N ALA D 139 -1.08 -30.66 -9.73
CA ALA D 139 0.06 -29.74 -9.88
C ALA D 139 -0.05 -28.88 -11.12
N ALA D 140 -1.22 -28.25 -11.31
CA ALA D 140 -1.48 -27.42 -12.48
C ALA D 140 -1.41 -25.96 -12.09
N ALA D 141 -0.92 -25.13 -13.00
CA ALA D 141 -1.04 -23.71 -12.78
C ALA D 141 -2.40 -23.23 -13.25
N ALA D 142 -2.77 -22.01 -12.88
CA ALA D 142 -4.09 -21.48 -13.19
C ALA D 142 -3.97 -20.27 -14.11
N LEU D 143 -4.65 -20.33 -15.26
CA LEU D 143 -4.94 -19.17 -16.08
C LEU D 143 -6.26 -18.54 -15.64
N VAL D 144 -6.25 -17.23 -15.41
CA VAL D 144 -7.41 -16.53 -14.85
C VAL D 144 -8.02 -15.63 -15.93
N VAL D 145 -9.27 -15.88 -16.29
CA VAL D 145 -9.97 -15.06 -17.26
C VAL D 145 -10.68 -13.92 -16.52
N VAL D 146 -10.42 -12.68 -16.94
CA VAL D 146 -10.92 -11.48 -16.27
C VAL D 146 -11.75 -10.67 -17.26
N THR D 147 -12.70 -9.90 -16.74
CA THR D 147 -13.35 -8.89 -17.58
C THR D 147 -12.54 -7.59 -17.57
N ALA D 148 -12.94 -6.66 -18.43
CA ALA D 148 -12.37 -5.32 -18.45
C ALA D 148 -13.29 -4.31 -17.79
N ASP D 149 -14.34 -4.77 -17.15
CA ASP D 149 -15.32 -3.86 -16.59
C ASP D 149 -14.95 -3.43 -15.17
N LEU D 150 -15.67 -2.43 -14.69
CA LEU D 150 -15.60 -2.02 -13.31
C LEU D 150 -15.67 -3.22 -12.38
N GLY D 151 -14.85 -3.23 -11.33
CA GLY D 151 -14.87 -4.27 -10.34
C GLY D 151 -13.85 -5.36 -10.56
N THR D 152 -13.15 -5.33 -11.69
CA THR D 152 -12.34 -6.47 -12.06
C THR D 152 -10.99 -6.48 -11.37
N LEU D 153 -10.40 -5.31 -11.10
CA LEU D 153 -9.15 -5.31 -10.34
C LEU D 153 -9.35 -5.96 -8.98
N ASN D 154 -10.49 -5.68 -8.34
CA ASN D 154 -10.84 -6.32 -7.08
C ASN D 154 -10.94 -7.83 -7.26
N HIS D 155 -11.82 -8.26 -8.18
CA HIS D 155 -12.02 -9.68 -8.45
C HIS D 155 -10.72 -10.37 -8.85
N THR D 156 -9.88 -9.70 -9.63
CA THR D 156 -8.61 -10.31 -10.01
C THR D 156 -7.69 -10.45 -8.80
N LYS D 157 -7.49 -9.35 -8.06
CA LYS D 157 -6.71 -9.41 -6.83
C LYS D 157 -7.23 -10.49 -5.90
N LEU D 158 -8.56 -10.56 -5.72
CA LEU D 158 -9.14 -11.58 -4.85
C LEU D 158 -8.83 -12.98 -5.35
N THR D 159 -8.92 -13.19 -6.66
CA THR D 159 -8.69 -14.51 -7.22
C THR D 159 -7.24 -14.93 -7.10
N LEU D 160 -6.32 -13.98 -7.29
CA LEU D 160 -4.91 -14.31 -7.25
C LEU D 160 -4.45 -14.59 -5.82
N GLU D 161 -5.02 -13.87 -4.84
CA GLU D 161 -4.80 -14.22 -3.44
C GLU D 161 -5.26 -15.65 -3.15
N ALA D 162 -6.46 -15.98 -3.63
CA ALA D 162 -7.00 -17.32 -3.45
C ALA D 162 -6.06 -18.38 -4.02
N LEU D 163 -5.47 -18.10 -5.18
CA LEU D 163 -4.58 -19.07 -5.79
C LEU D 163 -3.33 -19.24 -4.94
N ALA D 164 -2.78 -18.11 -4.47
CA ALA D 164 -1.53 -18.13 -3.74
C ALA D 164 -1.71 -18.78 -2.38
N ALA D 165 -2.88 -18.60 -1.77
CA ALA D 165 -3.18 -19.26 -0.50
C ALA D 165 -2.94 -20.77 -0.58
N GLN D 166 -3.25 -21.39 -1.73
CA GLN D 166 -2.94 -22.80 -1.95
C GLN D 166 -1.71 -23.02 -2.81
N GLN D 167 -0.84 -22.03 -2.96
CA GLN D 167 0.40 -22.19 -3.73
C GLN D 167 0.12 -22.69 -5.15
N VAL D 168 -0.95 -22.20 -5.75
CA VAL D 168 -1.24 -22.51 -7.13
C VAL D 168 -0.69 -21.37 -7.95
N SER D 169 0.33 -21.65 -8.74
CA SER D 169 0.93 -20.63 -9.59
C SER D 169 -0.11 -20.01 -10.51
N CYS D 170 -0.01 -18.69 -10.72
CA CYS D 170 -0.83 -18.01 -11.72
C CYS D 170 -0.08 -18.00 -13.05
N ALA D 171 -0.67 -18.63 -14.06
CA ALA D 171 -0.09 -18.58 -15.39
C ALA D 171 -0.36 -17.27 -16.11
N GLY D 172 -1.14 -16.37 -15.53
CA GLY D 172 -1.46 -15.09 -16.14
C GLY D 172 -2.95 -14.87 -16.28
N LEU D 173 -3.29 -13.73 -16.84
CA LEU D 173 -4.66 -13.29 -17.06
C LEU D 173 -4.94 -13.27 -18.55
N VAL D 174 -6.22 -13.42 -18.88
CA VAL D 174 -6.72 -13.17 -20.23
C VAL D 174 -7.99 -12.35 -20.11
N ILE D 175 -7.99 -11.18 -20.73
CA ILE D 175 -9.22 -10.39 -20.81
C ILE D 175 -10.12 -11.12 -21.81
N GLY D 176 -11.18 -11.76 -21.30
CA GLY D 176 -11.96 -12.65 -22.14
C GLY D 176 -12.65 -11.92 -23.28
N SER D 177 -13.06 -10.68 -23.05
CA SER D 177 -13.80 -9.88 -24.02
C SER D 177 -13.28 -8.45 -23.99
N TRP D 178 -12.57 -8.07 -25.06
CA TRP D 178 -12.03 -6.74 -25.23
C TRP D 178 -12.93 -5.93 -26.15
N PRO D 179 -13.53 -4.82 -25.69
CA PRO D 179 -14.48 -4.09 -26.54
C PRO D 179 -13.80 -3.24 -27.59
N ASP D 180 -14.53 -2.99 -28.68
CA ASP D 180 -14.06 -2.14 -29.78
C ASP D 180 -15.10 -1.06 -30.05
N PRO D 181 -14.85 0.20 -29.64
CA PRO D 181 -13.60 0.65 -29.01
C PRO D 181 -13.64 0.62 -27.47
N PRO D 182 -12.46 0.52 -26.85
CA PRO D 182 -12.40 0.48 -25.39
C PRO D 182 -12.88 1.78 -24.76
N GLY D 183 -13.79 1.66 -23.79
CA GLY D 183 -14.22 2.81 -23.04
C GLY D 183 -13.12 3.33 -22.13
N LEU D 184 -13.50 4.32 -21.30
CA LEU D 184 -12.55 4.86 -20.33
C LEU D 184 -12.11 3.78 -19.34
N VAL D 185 -13.09 3.12 -18.70
CA VAL D 185 -12.81 2.13 -17.67
C VAL D 185 -12.06 0.94 -18.25
N ALA D 186 -12.58 0.38 -19.35
CA ALA D 186 -11.93 -0.78 -19.98
C ALA D 186 -10.47 -0.47 -20.28
N ALA D 187 -10.19 0.69 -20.83
CA ALA D 187 -8.82 1.07 -21.14
C ALA D 187 -7.99 1.21 -19.86
N SER D 188 -8.56 1.81 -18.82
CA SER D 188 -7.84 1.94 -17.56
C SER D 188 -7.56 0.57 -16.94
N ASN D 189 -8.54 -0.33 -17.02
CA ASN D 189 -8.38 -1.65 -16.40
C ASN D 189 -7.32 -2.48 -17.11
N ARG D 190 -7.25 -2.40 -18.44
CA ARG D 190 -6.23 -3.19 -19.12
C ARG D 190 -4.84 -2.78 -18.67
N SER D 191 -4.63 -1.48 -18.39
CA SER D 191 -3.32 -1.06 -17.89
C SER D 191 -3.11 -1.54 -16.47
N ALA D 192 -4.13 -1.39 -15.62
CA ALA D 192 -3.99 -1.75 -14.22
C ALA D 192 -3.83 -3.26 -14.05
N LEU D 193 -4.54 -4.04 -14.87
CA LEU D 193 -4.44 -5.50 -14.79
C LEU D 193 -3.01 -5.96 -15.03
N ALA D 194 -2.35 -5.42 -16.06
CA ALA D 194 -0.97 -5.83 -16.32
C ALA D 194 -0.07 -5.55 -15.12
N ARG D 195 -0.39 -4.53 -14.31
CA ARG D 195 0.41 -4.29 -13.10
C ARG D 195 0.24 -5.42 -12.11
N ILE D 196 -0.93 -6.07 -12.11
CA ILE D 196 -1.22 -7.17 -11.21
C ILE D 196 -0.55 -8.47 -11.66
N ALA D 197 -0.54 -8.73 -12.97
CA ALA D 197 -0.01 -9.97 -13.52
C ALA D 197 0.12 -9.86 -15.02
N MET D 198 0.90 -10.78 -15.60
CA MET D 198 1.03 -10.86 -17.05
C MET D 198 -0.33 -11.03 -17.69
N VAL D 199 -0.67 -10.14 -18.61
CA VAL D 199 -1.89 -10.27 -19.41
C VAL D 199 -1.54 -11.05 -20.66
N ARG D 200 -2.04 -12.29 -20.75
CA ARG D 200 -1.62 -13.15 -21.85
C ARG D 200 -2.29 -12.80 -23.17
N ALA D 201 -3.48 -12.20 -23.14
CA ALA D 201 -4.21 -11.80 -24.34
C ALA D 201 -5.44 -11.05 -23.88
N ALA D 202 -6.10 -10.42 -24.85
CA ALA D 202 -7.43 -9.84 -24.65
C ALA D 202 -8.23 -10.16 -25.90
N LEU D 203 -9.14 -11.10 -25.78
CA LEU D 203 -9.83 -11.61 -26.95
C LEU D 203 -10.78 -10.55 -27.48
N PRO D 204 -10.79 -10.30 -28.79
CA PRO D 204 -11.75 -9.35 -29.37
C PRO D 204 -13.18 -9.68 -28.95
N ALA D 205 -14.01 -8.64 -28.89
CA ALA D 205 -15.26 -8.71 -28.13
C ALA D 205 -16.26 -9.73 -28.66
N GLY D 206 -16.13 -10.17 -29.91
CA GLY D 206 -17.13 -11.09 -30.42
C GLY D 206 -16.58 -12.40 -30.95
N ALA D 207 -15.56 -12.93 -30.27
CA ALA D 207 -14.74 -13.97 -30.87
C ALA D 207 -15.49 -15.28 -31.03
N ALA D 208 -16.51 -15.53 -30.21
CA ALA D 208 -17.23 -16.81 -30.28
C ALA D 208 -18.11 -16.93 -31.52
N SER D 209 -18.28 -15.86 -32.29
CA SER D 209 -19.08 -15.91 -33.51
C SER D 209 -18.24 -16.21 -34.74
N LEU D 210 -16.96 -15.86 -34.72
CA LEU D 210 -16.04 -16.12 -35.82
C LEU D 210 -16.14 -17.56 -36.29
N ASP D 211 -15.97 -17.76 -37.60
CA ASP D 211 -15.78 -19.09 -38.14
C ASP D 211 -14.33 -19.51 -37.91
N ALA D 212 -14.12 -20.82 -37.80
CA ALA D 212 -12.83 -21.37 -37.39
C ALA D 212 -11.65 -20.80 -38.19
N GLY D 213 -11.92 -20.21 -39.35
CA GLY D 213 -10.88 -19.53 -40.10
C GLY D 213 -10.36 -18.31 -39.38
N ASP D 214 -11.24 -17.33 -39.15
CA ASP D 214 -10.84 -16.12 -38.44
C ASP D 214 -10.44 -16.43 -37.00
N PHE D 215 -11.21 -17.31 -36.34
CA PHE D 215 -10.94 -17.62 -34.94
C PHE D 215 -9.52 -18.14 -34.74
N ALA D 216 -9.07 -19.03 -35.63
CA ALA D 216 -7.69 -19.49 -35.54
C ALA D 216 -6.70 -18.36 -35.77
N ALA D 217 -7.04 -17.42 -36.66
CA ALA D 217 -6.16 -16.28 -36.90
C ALA D 217 -6.26 -15.27 -35.78
N MET D 218 -7.48 -15.03 -35.27
CA MET D 218 -7.59 -14.24 -34.05
C MET D 218 -6.78 -14.86 -32.93
N SER D 219 -6.89 -16.19 -32.76
CA SER D 219 -6.23 -16.83 -31.65
C SER D 219 -4.72 -16.79 -31.78
N ALA D 220 -4.18 -17.10 -32.96
CA ALA D 220 -2.73 -17.06 -33.14
C ALA D 220 -2.18 -15.66 -32.88
N ALA D 221 -2.98 -14.64 -33.18
CA ALA D 221 -2.59 -13.25 -32.98
C ALA D 221 -2.83 -12.78 -31.55
N ALA D 222 -3.84 -13.35 -30.87
CA ALA D 222 -4.18 -12.88 -29.53
C ALA D 222 -3.07 -13.16 -28.54
N PHE D 223 -2.44 -14.33 -28.62
CA PHE D 223 -1.42 -14.75 -27.66
C PHE D 223 -0.01 -14.58 -28.23
N ASP D 224 0.96 -14.56 -27.32
CA ASP D 224 2.37 -14.45 -27.68
C ASP D 224 2.88 -15.85 -28.06
N ARG D 225 3.28 -16.01 -29.32
CA ARG D 225 3.73 -17.32 -29.81
C ARG D 225 4.75 -17.95 -28.89
N ASN D 226 5.72 -17.15 -28.41
CA ASN D 226 6.75 -17.70 -27.53
C ASN D 226 6.15 -18.24 -26.24
N TRP D 227 5.18 -17.53 -25.66
CA TRP D 227 4.62 -17.96 -24.39
C TRP D 227 3.79 -19.23 -24.57
N VAL D 228 2.89 -19.24 -25.55
CA VAL D 228 2.12 -20.44 -25.88
C VAL D 228 3.07 -21.61 -26.10
N ALA D 229 3.96 -21.47 -27.10
CA ALA D 229 4.87 -22.56 -27.44
C ALA D 229 5.67 -23.03 -26.24
N GLY D 230 6.05 -22.09 -25.37
CA GLY D 230 6.76 -22.43 -24.15
C GLY D 230 5.93 -23.14 -23.11
N LEU D 231 4.62 -23.30 -23.32
CA LEU D 231 3.83 -24.08 -22.38
C LEU D 231 4.15 -25.57 -22.48
N VAL D 232 4.82 -26.00 -23.57
CA VAL D 232 5.29 -27.37 -23.84
C VAL D 232 4.25 -28.40 -23.44
S SO4 E . 21.65 0.77 13.46
O1 SO4 E . 20.38 1.11 12.79
O2 SO4 E . 22.09 -0.59 13.15
O3 SO4 E . 21.43 0.85 14.92
O4 SO4 E . 22.71 1.67 12.98
S SO4 F . 24.65 8.75 5.00
O1 SO4 F . 25.10 8.36 3.66
O2 SO4 F . 24.96 7.68 5.96
O3 SO4 F . 25.32 9.98 5.40
O4 SO4 F . 23.23 8.98 4.93
S SO4 G . 15.87 23.59 13.39
O1 SO4 G . 16.02 22.85 12.14
O2 SO4 G . 14.86 22.97 14.27
O3 SO4 G . 17.17 23.64 14.08
O4 SO4 G . 15.47 24.98 13.15
S SO4 H . -23.18 -0.02 -4.32
O1 SO4 H . -22.23 0.43 -5.35
O2 SO4 H . -22.83 -1.41 -3.95
O3 SO4 H . -23.14 0.86 -3.13
O4 SO4 H . -24.56 0.02 -4.87
C10 L4S I . -23.29 -18.34 -18.52
C13 L4S I . -24.15 -21.73 -17.56
C15 L4S I . -25.14 -20.80 -15.40
C17 L4S I . -22.87 -21.05 -14.77
C21 L4S I . -21.13 -21.33 -11.41
C22 L4S I . -21.82 -20.42 -10.64
C24 L4S I . -23.28 -19.85 -12.51
C02 L4S I . -20.35 -16.14 -24.47
C03 L4S I . -20.34 -14.95 -23.48
C04 L4S I . -19.93 -15.37 -21.99
C08 L4S I . -22.84 -16.45 -20.15
C11 L4S I . -24.33 -19.44 -18.02
C12 L4S I . -23.61 -20.57 -17.26
C14 L4S I . -25.39 -21.85 -16.55
C16 L4S I . -23.91 -20.29 -15.62
C18 L4S I . -22.59 -20.75 -13.26
C19 L4S I . -21.52 -21.48 -12.72
C23 L4S I . -22.90 -19.70 -11.19
C27 L4S I . -21.67 -16.70 -20.82
C29 L4S I . -19.17 -14.63 -25.49
C31 L4S I . -16.93 -13.76 -24.72
C32 L4S I . -15.59 -13.22 -25.00
C33 L4S I . -15.16 -12.97 -26.41
C36 L4S I . -17.37 -13.81 -27.23
C38 L4S I . -19.19 -15.89 -25.43
N05 L4S I . -21.20 -15.54 -21.23
N06 L4S I . -22.04 -14.56 -20.86
N07 L4S I . -23.06 -15.14 -20.19
N09 L4S I . -23.68 -17.47 -19.57
N30 L4S I . -17.81 -14.07 -25.83
N34 L4S I . -13.87 -12.45 -26.64
N35 L4S I . -16.03 -13.26 -27.52
O01 L4S I . -21.56 -16.07 -25.12
O20 L4S I . -20.89 -22.38 -13.63
O25 L4S I . -22.18 -21.88 -15.25
O26 L4S I . -22.23 -18.26 -18.01
O28 L4S I . -19.47 -14.16 -23.96
O37 L4S I . -18.05 -14.03 -28.15
S SO4 J . -18.29 -18.21 -19.15
O1 SO4 J . -17.40 -19.32 -19.46
O2 SO4 J . -19.70 -18.63 -18.98
O3 SO4 J . -17.94 -17.60 -17.88
O4 SO4 J . -18.10 -17.25 -20.24
S SO4 K . -12.12 -2.55 -9.42
O1 SO4 K . -11.52 -3.80 -9.83
O2 SO4 K . -12.79 -2.00 -10.59
O3 SO4 K . -11.09 -1.70 -8.82
O4 SO4 K . -13.11 -2.85 -8.38
#